data_2OBC
#
_entry.id   2OBC
#
_cell.length_a   173.100
_cell.length_b   173.100
_cell.length_c   76.700
_cell.angle_alpha   90.00
_cell.angle_beta   90.00
_cell.angle_gamma   120.00
#
_symmetry.space_group_name_H-M   'P 31 2 1'
#
loop_
_entity.id
_entity.type
_entity.pdbx_description
1 polymer 'Riboflavin biosynthesis protein ribD'
2 non-polymer 5-O-phosphono-beta-D-ribofuranose
3 water water
#
_entity_poly.entity_id   1
_entity_poly.type   'polypeptide(L)'
_entity_poly.pdbx_seq_one_letter_code
;MDYKDDDDKGSSTSLYKKAGSETLYIQGQDEYY(MSE)ARALKLAQRGRFTTHPNPNVGCVIVKDGEIVGEGYHQRAGEP
HAEVHALR(MSE)AGEKAKGATAYVTLEPCSHHGRTPPCCDALIAAGVARVVAS(MSE)QDPNPQVAGRGLYRLQQAGID
VSHGL(MSE)(MSE)SEAEQLNKGFLKR(MSE)RTGFPYIQLKLGASLDGRTA(MSE)ASGESQWITSPQARRDVQLLRA
QSHAILTSSATVLADDPALTVRWSELDEQTQALYPQQNLRQPIRIVIDSQNRVTPVHRIVQQPGETWFARTQEDSREWPE
TVRTLLIPEHKGHLDLVVL(MSE)(MSE)QLGKQQINSIWVEAGPTLAGALLQAGLVDELIVYIAPKLLGSDARGLCTLP
GLEKLADAPQFKFKEIRHVGPDVCLHLVGASTHHHHHH
;
_entity_poly.pdbx_strand_id   A,B
#
# COMPACT_ATOMS: atom_id res chain seq x y z
N THR A 23 2.48 -28.23 31.68
CA THR A 23 1.69 -27.03 31.28
C THR A 23 1.21 -27.11 29.84
N LEU A 24 2.09 -27.56 28.94
CA LEU A 24 1.94 -27.35 27.49
C LEU A 24 0.52 -27.39 26.93
N TYR A 25 -0.27 -28.37 27.37
CA TYR A 25 -1.68 -28.49 27.00
C TYR A 25 -2.51 -27.39 27.65
N ILE A 26 -2.27 -27.13 28.94
CA ILE A 26 -2.98 -26.11 29.72
C ILE A 26 -2.76 -24.73 29.09
N GLN A 27 -1.53 -24.46 28.70
CA GLN A 27 -1.18 -23.19 28.08
C GLN A 27 -1.92 -23.01 26.75
N GLY A 28 -1.91 -24.04 25.91
CA GLY A 28 -2.63 -24.02 24.64
C GLY A 28 -4.12 -23.88 24.86
N GLN A 29 -4.61 -24.60 25.87
CA GLN A 29 -6.00 -24.56 26.27
C GLN A 29 -6.38 -23.16 26.72
N ASP A 30 -5.54 -22.53 27.56
CA ASP A 30 -5.72 -21.15 28.01
C ASP A 30 -5.82 -20.16 26.83
N GLU A 31 -4.92 -20.34 25.87
CA GLU A 31 -4.84 -19.48 24.70
C GLU A 31 -6.09 -19.52 23.85
N TYR A 32 -6.72 -20.68 23.80
CA TYR A 32 -7.97 -20.86 23.09
C TYR A 32 -9.02 -20.00 23.78
N TYR A 33 -9.25 -20.26 25.06
CA TYR A 33 -10.31 -19.58 25.76
C TYR A 33 -10.13 -18.06 25.82
N ALA A 35 -8.47 -16.27 23.62
CA ALA A 35 -8.74 -15.81 22.27
C ALA A 35 -10.24 -15.58 22.11
N ARG A 36 -11.02 -16.55 22.58
CA ARG A 36 -12.48 -16.44 22.57
C ARG A 36 -12.94 -15.21 23.35
N ALA A 37 -12.36 -14.97 24.52
CA ALA A 37 -12.81 -13.84 25.33
C ALA A 37 -12.47 -12.52 24.62
N LEU A 38 -11.41 -12.54 23.83
CA LEU A 38 -10.99 -11.38 23.06
C LEU A 38 -11.94 -11.15 21.89
N LYS A 39 -12.42 -12.25 21.31
CA LYS A 39 -13.32 -12.18 20.18
C LYS A 39 -14.65 -11.60 20.63
N LEU A 40 -15.11 -12.05 21.79
CA LEU A 40 -16.32 -11.54 22.42
C LEU A 40 -16.23 -10.06 22.81
N ALA A 41 -15.11 -9.64 23.37
CA ALA A 41 -14.94 -8.24 23.74
C ALA A 41 -15.13 -7.36 22.51
N GLN A 42 -14.54 -7.78 21.40
CA GLN A 42 -14.57 -7.01 20.15
C GLN A 42 -15.99 -6.71 19.77
N ARG A 43 -16.90 -7.54 20.27
CA ARG A 43 -18.26 -7.56 19.81
C ARG A 43 -19.01 -6.27 20.14
N GLY A 44 -18.59 -5.60 21.21
CA GLY A 44 -19.25 -4.38 21.66
C GLY A 44 -18.45 -3.13 21.37
N ARG A 45 -17.48 -3.26 20.47
CA ARG A 45 -16.60 -2.16 20.09
C ARG A 45 -17.34 -0.97 19.48
N PHE A 46 -18.60 -1.15 19.12
CA PHE A 46 -19.39 -0.07 18.52
C PHE A 46 -20.22 0.74 19.53
N THR A 47 -20.41 0.19 20.72
CA THR A 47 -21.45 0.68 21.65
C THR A 47 -20.93 0.92 23.05
N THR A 48 -19.68 0.55 23.24
CA THR A 48 -19.12 0.41 24.57
C THR A 48 -18.67 1.71 25.21
N HIS A 49 -18.29 2.68 24.39
CA HIS A 49 -17.73 3.95 24.84
C HIS A 49 -18.67 4.60 25.85
N PRO A 50 -18.12 5.28 26.89
CA PRO A 50 -16.72 5.44 27.25
C PRO A 50 -16.11 4.27 27.99
N ASN A 51 -16.94 3.28 28.31
CA ASN A 51 -16.47 2.05 28.94
C ASN A 51 -15.59 1.22 28.01
N PRO A 52 -14.64 0.46 28.58
CA PRO A 52 -13.89 -0.41 27.67
C PRO A 52 -14.71 -1.60 27.19
N ASN A 53 -14.26 -2.18 26.08
CA ASN A 53 -14.69 -3.48 25.63
C ASN A 53 -14.01 -4.49 26.52
N VAL A 54 -14.80 -5.40 27.06
CA VAL A 54 -14.31 -6.46 27.93
C VAL A 54 -15.09 -7.72 27.61
N GLY A 55 -14.39 -8.85 27.55
CA GLY A 55 -15.01 -10.15 27.32
C GLY A 55 -14.68 -11.14 28.43
N CYS A 56 -15.59 -12.09 28.67
CA CYS A 56 -15.39 -13.09 29.71
C CYS A 56 -15.83 -14.49 29.27
N VAL A 57 -14.98 -15.49 29.49
CA VAL A 57 -15.35 -16.89 29.24
C VAL A 57 -15.17 -17.68 30.53
N ILE A 58 -16.16 -18.50 30.87
CA ILE A 58 -16.07 -19.30 32.09
C ILE A 58 -16.07 -20.80 31.78
N VAL A 59 -15.00 -21.48 32.15
CA VAL A 59 -14.85 -22.88 31.82
C VAL A 59 -14.98 -23.77 33.07
N LYS A 60 -15.81 -24.79 32.96
CA LYS A 60 -15.93 -25.81 34.01
C LYS A 60 -15.49 -27.17 33.48
N ASP A 61 -14.40 -27.68 34.04
CA ASP A 61 -13.65 -28.84 33.50
C ASP A 61 -14.01 -29.20 32.07
N GLY A 62 -13.50 -28.39 31.14
CA GLY A 62 -13.57 -28.69 29.72
C GLY A 62 -14.57 -27.88 28.92
N GLU A 63 -15.64 -27.44 29.56
CA GLU A 63 -16.71 -26.85 28.78
C GLU A 63 -17.09 -25.44 29.18
N ILE A 64 -17.43 -24.64 28.17
CA ILE A 64 -17.75 -23.24 28.33
C ILE A 64 -19.15 -23.10 28.93
N VAL A 65 -19.19 -22.82 30.22
CA VAL A 65 -20.45 -22.78 30.96
C VAL A 65 -21.04 -21.38 31.11
N GLY A 66 -20.29 -20.37 30.67
CA GLY A 66 -20.79 -19.02 30.68
C GLY A 66 -19.92 -18.17 29.80
N GLU A 67 -20.55 -17.40 28.92
CA GLU A 67 -19.83 -16.35 28.16
C GLU A 67 -20.55 -15.03 28.32
N GLY A 68 -19.79 -13.94 28.28
CA GLY A 68 -20.38 -12.60 28.28
C GLY A 68 -19.41 -11.56 27.78
N TYR A 69 -19.92 -10.41 27.38
CA TYR A 69 -19.10 -9.23 27.02
C TYR A 69 -19.84 -7.92 27.29
N HIS A 70 -19.10 -6.81 27.27
CA HIS A 70 -19.70 -5.50 27.57
C HIS A 70 -20.30 -4.83 26.34
N GLN A 71 -21.58 -4.47 26.42
CA GLN A 71 -22.28 -3.85 25.31
C GLN A 71 -22.33 -2.34 25.42
N ARG A 72 -22.85 -1.84 26.53
CA ARG A 72 -23.25 -0.45 26.67
C ARG A 72 -22.86 0.06 28.04
N ALA A 73 -22.48 1.34 28.12
CA ALA A 73 -22.10 1.99 29.38
C ALA A 73 -23.09 1.78 30.54
N GLY A 74 -24.38 1.88 30.26
CA GLY A 74 -25.42 1.63 31.27
C GLY A 74 -25.58 0.19 31.73
N GLU A 75 -25.47 -0.76 30.78
CA GLU A 75 -25.68 -2.19 31.03
C GLU A 75 -24.57 -2.86 31.86
N PRO A 76 -24.73 -4.15 32.22
CA PRO A 76 -23.75 -4.84 33.08
C PRO A 76 -22.39 -5.10 32.44
N HIS A 77 -21.42 -5.48 33.28
CA HIS A 77 -20.09 -5.86 32.84
C HIS A 77 -20.05 -7.27 32.26
N ALA A 78 -19.04 -7.53 31.44
CA ALA A 78 -18.81 -8.85 30.82
C ALA A 78 -18.83 -9.98 31.84
N GLU A 79 -18.11 -9.82 32.96
CA GLU A 79 -18.04 -10.86 34.01
C GLU A 79 -19.43 -11.18 34.56
N VAL A 80 -20.23 -10.14 34.83
CA VAL A 80 -21.56 -10.34 35.37
C VAL A 80 -22.40 -11.16 34.37
N HIS A 81 -22.47 -10.70 33.13
CA HIS A 81 -23.21 -11.43 32.10
C HIS A 81 -22.85 -12.89 32.12
N ALA A 82 -21.57 -13.18 32.00
CA ALA A 82 -21.06 -14.54 31.98
C ALA A 82 -21.48 -15.29 33.22
N LEU A 83 -21.31 -14.66 34.39
CA LEU A 83 -21.64 -15.27 35.68
C LEU A 83 -23.08 -15.70 35.82
N ARG A 84 -23.98 -14.95 35.20
CA ARG A 84 -25.40 -15.25 35.24
C ARG A 84 -25.75 -16.40 34.31
N ALA A 86 -23.57 -18.85 33.78
CA ALA A 86 -22.94 -19.99 34.44
C ALA A 86 -23.70 -20.41 35.70
N GLY A 87 -24.32 -19.44 36.36
CA GLY A 87 -24.96 -19.69 37.64
C GLY A 87 -24.14 -20.65 38.47
N GLU A 88 -24.73 -21.79 38.79
CA GLU A 88 -24.10 -22.83 39.63
C GLU A 88 -22.80 -23.42 39.06
N LYS A 89 -22.70 -23.46 37.73
CA LYS A 89 -21.57 -24.13 37.09
C LYS A 89 -20.26 -23.39 37.30
N ALA A 90 -20.34 -22.16 37.81
CA ALA A 90 -19.17 -21.32 38.03
C ALA A 90 -18.35 -21.77 39.25
N LYS A 91 -18.98 -22.57 40.13
CA LYS A 91 -18.36 -23.06 41.36
C LYS A 91 -16.96 -23.62 41.20
N GLY A 92 -16.79 -24.58 40.30
CA GLY A 92 -15.51 -25.27 40.16
C GLY A 92 -14.34 -24.41 39.76
N ALA A 93 -14.19 -24.19 38.46
CA ALA A 93 -12.93 -23.64 37.94
C ALA A 93 -13.02 -22.31 37.17
N THR A 94 -12.27 -22.25 36.08
CA THR A 94 -11.63 -21.04 35.56
C THR A 94 -12.47 -19.94 34.88
N ALA A 95 -12.03 -18.69 35.11
CA ALA A 95 -12.54 -17.50 34.42
C ALA A 95 -11.44 -16.79 33.62
N TYR A 96 -11.68 -16.63 32.32
CA TYR A 96 -10.77 -15.88 31.45
C TYR A 96 -11.35 -14.50 31.22
N VAL A 97 -10.66 -13.48 31.72
CA VAL A 97 -11.08 -12.09 31.54
C VAL A 97 -10.12 -11.31 30.68
N THR A 98 -10.71 -10.42 29.90
CA THR A 98 -10.00 -9.62 28.95
C THR A 98 -9.26 -8.46 29.62
N LEU A 99 -9.80 -8.00 30.74
CA LEU A 99 -9.20 -6.96 31.54
C LEU A 99 -9.39 -7.31 33.01
N GLU A 100 -8.41 -6.97 33.86
CA GLU A 100 -8.55 -7.09 35.32
C GLU A 100 -9.94 -6.64 35.75
N PRO A 101 -10.67 -7.49 36.47
CA PRO A 101 -12.09 -7.22 36.68
C PRO A 101 -12.42 -6.16 37.74
N CYS A 102 -13.55 -5.50 37.52
CA CYS A 102 -14.25 -4.63 38.50
C CYS A 102 -14.18 -3.14 38.16
N PRO A 110 -19.58 -2.52 42.46
CA PRO A 110 -18.45 -3.43 42.61
C PRO A 110 -18.62 -4.70 41.75
N CYS A 111 -17.54 -5.12 41.09
CA CYS A 111 -17.60 -6.26 40.17
C CYS A 111 -16.64 -7.40 40.57
N CYS A 112 -15.84 -7.15 41.60
CA CYS A 112 -14.83 -8.11 42.08
C CYS A 112 -15.41 -9.12 43.07
N ASP A 113 -16.46 -8.71 43.75
CA ASP A 113 -17.17 -9.57 44.70
C ASP A 113 -18.02 -10.64 44.02
N ALA A 114 -18.32 -10.44 42.74
CA ALA A 114 -19.15 -11.38 41.96
C ALA A 114 -18.46 -12.73 41.80
N LEU A 115 -17.21 -12.69 41.35
CA LEU A 115 -16.39 -13.87 41.14
C LEU A 115 -16.17 -14.67 42.42
N ILE A 116 -15.94 -13.97 43.52
CA ILE A 116 -15.73 -14.64 44.80
C ILE A 116 -17.03 -15.32 45.22
N ALA A 117 -18.14 -14.60 45.13
CA ALA A 117 -19.46 -15.12 45.46
C ALA A 117 -19.84 -16.36 44.62
N ALA A 118 -19.50 -16.32 43.34
CA ALA A 118 -19.76 -17.42 42.41
C ALA A 118 -18.94 -18.66 42.75
N GLY A 119 -17.82 -18.45 43.44
CA GLY A 119 -16.99 -19.52 43.97
C GLY A 119 -15.98 -20.15 43.04
N VAL A 120 -15.55 -19.41 42.01
CA VAL A 120 -14.58 -19.91 41.04
C VAL A 120 -13.20 -20.06 41.65
N ALA A 121 -12.51 -21.15 41.33
CA ALA A 121 -11.08 -21.24 41.54
C ALA A 121 -10.46 -20.77 40.24
N ARG A 122 -9.32 -20.10 40.33
CA ARG A 122 -8.62 -19.59 39.12
C ARG A 122 -9.37 -18.59 38.22
N VAL A 123 -8.80 -17.39 38.11
CA VAL A 123 -9.15 -16.44 37.05
C VAL A 123 -7.86 -15.99 36.36
N VAL A 124 -7.99 -15.78 35.05
CA VAL A 124 -6.88 -15.40 34.19
C VAL A 124 -7.26 -14.10 33.48
N ALA A 125 -6.55 -13.01 33.80
CA ALA A 125 -6.80 -11.72 33.16
C ALA A 125 -5.73 -11.44 32.13
N SER A 126 -6.12 -10.86 31.00
CA SER A 126 -5.18 -10.62 29.91
C SER A 126 -4.20 -9.55 30.30
N GLN A 128 -3.64 -6.21 33.46
CA GLN A 128 -4.10 -5.57 34.69
C GLN A 128 -4.71 -4.20 34.38
N ASP A 129 -5.34 -3.58 35.38
CA ASP A 129 -6.00 -2.31 35.18
C ASP A 129 -4.97 -1.22 34.82
N PRO A 130 -5.25 -0.46 33.74
CA PRO A 130 -4.35 0.58 33.25
C PRO A 130 -4.10 1.67 34.30
N ASN A 131 -5.16 2.08 35.00
CA ASN A 131 -5.10 3.10 36.05
C ASN A 131 -3.87 3.01 36.96
N GLN A 133 -0.72 3.28 37.49
CA GLN A 133 -0.57 2.06 38.26
C GLN A 133 -1.03 2.21 39.72
N VAL A 134 -2.13 2.94 39.92
CA VAL A 134 -2.76 3.05 41.24
C VAL A 134 -3.64 1.83 41.51
N ALA A 135 -4.61 1.60 40.63
CA ALA A 135 -5.45 0.40 40.65
C ALA A 135 -4.83 -0.70 39.78
N GLY A 136 -4.31 -1.72 40.44
CA GLY A 136 -3.71 -2.85 39.75
C GLY A 136 -3.87 -4.09 40.62
N ARG A 137 -4.33 -3.85 41.85
CA ARG A 137 -4.44 -4.89 42.88
C ARG A 137 -5.74 -5.70 42.80
N GLY A 138 -6.56 -5.46 41.78
CA GLY A 138 -7.78 -6.25 41.53
C GLY A 138 -7.54 -7.75 41.63
N LEU A 139 -6.35 -8.18 41.21
CA LEU A 139 -5.95 -9.57 41.28
C LEU A 139 -5.58 -10.01 42.70
N TYR A 140 -5.05 -9.10 43.50
CA TYR A 140 -4.71 -9.40 44.89
C TYR A 140 -5.98 -9.73 45.67
N ARG A 141 -7.06 -9.01 45.35
CA ARG A 141 -8.36 -9.17 45.98
C ARG A 141 -8.87 -10.62 45.86
N LEU A 142 -8.76 -11.16 44.65
CA LEU A 142 -9.22 -12.52 44.37
C LEU A 142 -8.29 -13.55 44.96
N GLN A 143 -6.98 -13.32 44.82
CA GLN A 143 -5.97 -14.21 45.37
C GLN A 143 -6.20 -14.45 46.86
N GLN A 144 -6.70 -13.42 47.55
CA GLN A 144 -7.01 -13.46 48.97
C GLN A 144 -8.12 -14.46 49.28
N ALA A 145 -9.11 -14.53 48.40
CA ALA A 145 -10.19 -15.51 48.52
C ALA A 145 -9.71 -16.91 48.15
N GLY A 146 -8.41 -17.06 47.91
CA GLY A 146 -7.79 -18.35 47.60
C GLY A 146 -7.89 -18.72 46.14
N ILE A 147 -8.32 -17.77 45.32
CA ILE A 147 -8.47 -17.98 43.88
C ILE A 147 -7.11 -17.90 43.19
N ASP A 148 -6.87 -18.82 42.26
CA ASP A 148 -5.60 -18.88 41.53
C ASP A 148 -5.58 -17.83 40.42
N VAL A 149 -4.77 -16.80 40.61
CA VAL A 149 -4.72 -15.67 39.66
C VAL A 149 -3.45 -15.65 38.82
N SER A 150 -3.55 -14.94 37.69
CA SER A 150 -2.48 -14.86 36.72
C SER A 150 -2.83 -13.76 35.72
N HIS A 151 -1.82 -13.14 35.12
CA HIS A 151 -2.04 -12.05 34.16
C HIS A 151 -0.96 -12.02 33.11
N GLY A 152 -1.25 -11.43 31.95
CA GLY A 152 -0.28 -11.31 30.89
C GLY A 152 -0.69 -11.96 29.57
N LEU A 153 -1.42 -13.07 29.66
CA LEU A 153 -1.79 -13.85 28.49
C LEU A 153 -2.46 -13.00 27.41
N SER A 156 -0.92 -8.16 24.46
CA SER A 156 -0.74 -7.44 23.20
C SER A 156 -2.09 -7.21 22.52
N GLU A 157 -2.91 -8.25 22.48
CA GLU A 157 -4.23 -8.18 21.87
C GLU A 157 -5.24 -7.38 22.69
N ALA A 158 -5.25 -7.60 24.00
CA ALA A 158 -6.11 -6.81 24.88
C ALA A 158 -5.81 -5.32 24.74
N GLU A 159 -4.53 -5.01 24.86
CA GLU A 159 -3.98 -3.70 24.56
C GLU A 159 -4.59 -3.10 23.29
N GLN A 160 -4.54 -3.86 22.19
CA GLN A 160 -5.05 -3.38 20.91
C GLN A 160 -6.57 -3.21 20.88
N LEU A 161 -7.25 -3.94 21.75
CA LEU A 161 -8.70 -3.94 21.84
C LEU A 161 -9.25 -2.60 22.34
N ASN A 162 -8.46 -1.90 23.16
CA ASN A 162 -8.91 -0.69 23.83
C ASN A 162 -7.93 0.48 23.73
N LYS A 163 -7.21 0.58 22.62
CA LYS A 163 -6.19 1.64 22.43
C LYS A 163 -6.55 2.93 23.16
N GLY A 164 -7.75 3.45 22.89
CA GLY A 164 -8.15 4.78 23.32
C GLY A 164 -8.45 4.92 24.79
N PHE A 165 -9.29 4.03 25.30
CA PHE A 165 -9.63 4.01 26.71
C PHE A 165 -8.35 3.83 27.51
N LEU A 166 -7.48 2.95 27.02
CA LEU A 166 -6.23 2.67 27.69
C LEU A 166 -5.36 3.92 27.74
N LYS A 167 -5.26 4.63 26.63
CA LYS A 167 -4.46 5.85 26.54
C LYS A 167 -5.02 6.99 27.38
N ARG A 168 -6.36 7.07 27.46
CA ARG A 168 -7.01 8.09 28.28
C ARG A 168 -6.74 7.85 29.76
N ARG A 170 -4.13 6.24 30.78
CA ARG A 170 -2.69 6.32 30.95
C ARG A 170 -2.20 7.77 30.92
N THR A 171 -2.33 8.41 29.77
CA THR A 171 -2.09 9.83 29.60
C THR A 171 -3.42 10.48 29.89
N GLY A 172 -3.49 11.80 29.92
CA GLY A 172 -4.83 12.41 30.06
C GLY A 172 -5.72 12.36 28.82
N PHE A 173 -5.21 11.80 27.73
CA PHE A 173 -5.64 12.17 26.37
C PHE A 173 -6.42 11.10 25.58
N PRO A 174 -7.32 11.54 24.69
CA PRO A 174 -7.96 10.59 23.78
C PRO A 174 -6.99 10.18 22.67
N TYR A 175 -7.27 9.05 22.03
CA TYR A 175 -6.48 8.53 20.93
C TYR A 175 -7.03 9.15 19.65
N ILE A 176 -6.19 9.87 18.93
CA ILE A 176 -6.61 10.55 17.73
C ILE A 176 -6.23 9.77 16.47
N GLN A 177 -7.24 9.48 15.63
CA GLN A 177 -7.04 8.89 14.31
C GLN A 177 -7.29 9.93 13.27
N LEU A 178 -6.26 10.31 12.53
CA LEU A 178 -6.43 11.32 11.52
C LEU A 178 -6.61 10.62 10.18
N LYS A 179 -7.71 10.91 9.48
CA LYS A 179 -7.89 10.31 8.16
C LYS A 179 -7.63 11.33 7.08
N LEU A 180 -7.01 10.89 6.00
CA LEU A 180 -6.70 11.75 4.87
C LEU A 180 -7.09 10.98 3.63
N GLY A 181 -7.63 11.71 2.66
CA GLY A 181 -7.99 11.13 1.36
C GLY A 181 -7.34 11.95 0.27
N ALA A 182 -6.65 11.27 -0.64
CA ALA A 182 -5.88 11.97 -1.64
C ALA A 182 -5.71 11.13 -2.90
N SER A 183 -5.43 11.83 -4.00
CA SER A 183 -5.02 11.22 -5.24
C SER A 183 -3.54 10.87 -5.14
N LEU A 184 -3.02 10.14 -6.12
CA LEU A 184 -1.59 9.79 -6.17
C LEU A 184 -0.67 10.98 -5.89
N ASP A 185 -0.96 12.08 -6.59
CA ASP A 185 -0.24 13.33 -6.45
C ASP A 185 -0.73 14.13 -5.25
N GLY A 186 -1.08 13.44 -4.16
CA GLY A 186 -1.41 14.07 -2.88
C GLY A 186 -2.48 15.15 -2.86
N ARG A 187 -3.05 15.47 -4.03
CA ARG A 187 -4.10 16.49 -4.15
C ARG A 187 -5.39 16.01 -3.49
N THR A 188 -6.11 16.93 -2.85
CA THR A 188 -7.25 16.52 -2.02
C THR A 188 -8.43 15.96 -2.81
N ALA A 189 -8.54 14.62 -2.76
CA ALA A 189 -9.51 13.84 -3.52
C ALA A 189 -10.45 13.00 -2.64
N GLU A 194 -19.68 16.40 0.24
CA GLU A 194 -18.60 15.46 -0.08
C GLU A 194 -18.95 14.01 0.30
N SER A 195 -19.94 13.45 -0.39
CA SER A 195 -20.23 12.01 -0.34
C SER A 195 -20.31 11.45 -1.77
N GLN A 196 -20.31 12.35 -2.75
CA GLN A 196 -20.02 12.04 -4.15
C GLN A 196 -18.52 11.91 -4.32
N TRP A 197 -17.84 11.54 -3.23
CA TRP A 197 -16.38 11.44 -3.14
C TRP A 197 -15.70 10.88 -4.41
N ILE A 198 -14.65 11.59 -4.83
CA ILE A 198 -13.79 11.20 -5.94
C ILE A 198 -13.01 9.89 -5.67
N THR A 199 -12.79 9.57 -4.39
CA THR A 199 -12.19 8.30 -3.99
C THR A 199 -13.01 7.12 -4.50
N SER A 200 -13.94 6.63 -3.67
CA SER A 200 -14.78 5.49 -4.05
C SER A 200 -15.86 5.14 -3.03
N PRO A 201 -16.97 4.55 -3.52
CA PRO A 201 -17.91 3.77 -2.72
C PRO A 201 -17.25 3.00 -1.59
N GLN A 202 -16.61 1.87 -1.88
CA GLN A 202 -16.08 0.97 -0.84
C GLN A 202 -15.21 1.66 0.20
N ALA A 203 -14.62 2.78 -0.19
CA ALA A 203 -13.88 3.60 0.73
C ALA A 203 -14.84 4.26 1.71
N ARG A 204 -15.93 4.87 1.21
CA ARG A 204 -16.96 5.43 2.09
C ARG A 204 -17.48 4.35 3.03
N ARG A 205 -17.80 3.17 2.49
CA ARG A 205 -18.25 2.05 3.31
C ARG A 205 -17.24 1.73 4.40
N ASP A 206 -15.96 1.83 4.05
CA ASP A 206 -14.89 1.58 5.00
C ASP A 206 -14.84 2.67 6.07
N VAL A 207 -14.79 3.92 5.65
CA VAL A 207 -14.83 5.06 6.57
C VAL A 207 -16.01 5.01 7.54
N GLN A 208 -17.18 4.64 7.02
CA GLN A 208 -18.37 4.48 7.83
C GLN A 208 -18.13 3.47 8.94
N LEU A 209 -17.45 2.37 8.62
CA LEU A 209 -17.14 1.34 9.60
C LEU A 209 -16.22 1.87 10.69
N LEU A 210 -15.23 2.68 10.29
CA LEU A 210 -14.28 3.25 11.22
C LEU A 210 -14.88 4.35 12.09
N ARG A 211 -15.79 5.14 11.53
CA ARG A 211 -16.58 6.09 12.33
C ARG A 211 -17.39 5.35 13.38
N ALA A 212 -18.09 4.31 12.94
CA ALA A 212 -19.04 3.59 13.77
C ALA A 212 -18.46 3.08 15.09
N GLN A 213 -17.14 2.93 15.16
CA GLN A 213 -16.54 2.37 16.36
C GLN A 213 -15.63 3.34 17.12
N SER A 214 -15.57 4.57 16.62
CA SER A 214 -14.87 5.65 17.29
C SER A 214 -15.84 6.38 18.21
N HIS A 215 -15.34 6.83 19.36
CA HIS A 215 -16.14 7.55 20.34
C HIS A 215 -16.67 8.86 19.77
N ALA A 216 -15.82 9.61 19.08
CA ALA A 216 -16.16 10.95 18.62
C ALA A 216 -15.64 11.20 17.22
N ILE A 217 -16.24 12.16 16.53
CA ILE A 217 -15.74 12.61 15.24
C ILE A 217 -15.41 14.08 15.36
N LEU A 218 -14.13 14.42 15.20
CA LEU A 218 -13.73 15.82 15.29
C LEU A 218 -13.62 16.41 13.90
N THR A 219 -14.06 17.65 13.77
CA THR A 219 -13.95 18.40 12.52
C THR A 219 -13.78 19.88 12.81
N SER A 220 -13.63 20.67 11.77
CA SER A 220 -13.49 22.10 11.94
C SER A 220 -14.62 22.81 11.24
N SER A 221 -14.91 24.02 11.69
CA SER A 221 -15.91 24.86 11.06
C SER A 221 -15.77 24.93 9.53
N ALA A 222 -14.55 25.11 9.02
CA ALA A 222 -14.34 25.29 7.58
C ALA A 222 -14.92 24.13 6.77
N THR A 223 -14.74 22.93 7.31
CA THR A 223 -15.29 21.73 6.71
C THR A 223 -16.81 21.79 6.81
N VAL A 224 -17.31 22.16 7.98
CA VAL A 224 -18.74 22.24 8.20
C VAL A 224 -19.34 23.31 7.28
N LEU A 225 -18.65 24.44 7.16
CA LEU A 225 -19.17 25.55 6.37
C LEU A 225 -19.20 25.22 4.90
N ALA A 226 -18.12 24.60 4.42
CA ALA A 226 -17.94 24.32 2.99
C ALA A 226 -18.78 23.15 2.53
N ASP A 227 -18.84 22.10 3.33
CA ASP A 227 -19.54 20.88 2.96
C ASP A 227 -20.95 20.74 3.55
N ASP A 228 -21.16 21.30 4.73
CA ASP A 228 -22.39 21.07 5.50
C ASP A 228 -22.66 19.57 5.69
N PRO A 229 -21.67 18.83 6.22
CA PRO A 229 -21.80 17.40 6.44
C PRO A 229 -22.72 17.07 7.60
N ALA A 230 -23.06 15.80 7.75
CA ALA A 230 -23.87 15.34 8.87
C ALA A 230 -23.02 14.63 9.92
N LEU A 231 -21.81 14.23 9.52
CA LEU A 231 -20.86 13.53 10.39
C LEU A 231 -21.44 12.37 11.22
N THR A 232 -22.40 11.66 10.65
CA THR A 232 -23.02 10.50 11.31
C THR A 232 -22.65 9.20 10.63
N VAL A 233 -22.99 8.10 11.29
CA VAL A 233 -22.91 6.75 10.74
C VAL A 233 -24.30 6.38 10.21
N ARG A 234 -24.37 5.95 8.96
CA ARG A 234 -25.63 5.48 8.38
C ARG A 234 -25.61 3.98 8.42
N TRP A 235 -26.46 3.42 9.26
CA TRP A 235 -26.50 1.97 9.50
C TRP A 235 -26.64 1.15 8.21
N SER A 236 -27.27 1.74 7.19
CA SER A 236 -27.44 1.13 5.89
C SER A 236 -26.12 0.93 5.15
N GLU A 237 -25.08 1.64 5.57
CA GLU A 237 -23.81 1.56 4.88
C GLU A 237 -22.83 0.58 5.54
N LEU A 238 -23.34 -0.32 6.39
CA LEU A 238 -22.49 -1.34 7.00
C LEU A 238 -22.54 -2.65 6.17
N ASP A 239 -22.50 -3.84 6.79
CA ASP A 239 -22.37 -5.07 5.98
C ASP A 239 -22.81 -6.42 6.59
N GLU A 240 -21.85 -7.09 7.22
CA GLU A 240 -22.07 -8.29 8.03
C GLU A 240 -21.74 -7.92 9.47
N GLN A 241 -21.27 -6.68 9.64
CA GLN A 241 -21.20 -6.02 10.94
C GLN A 241 -22.62 -5.85 11.41
N THR A 242 -23.49 -5.46 10.47
CA THR A 242 -24.96 -5.37 10.63
C THR A 242 -25.52 -6.49 11.52
N GLN A 243 -25.06 -7.71 11.28
CA GLN A 243 -25.46 -8.85 12.08
C GLN A 243 -24.53 -9.02 13.28
N ALA A 244 -23.22 -8.92 13.03
CA ALA A 244 -22.12 -9.25 13.99
C ALA A 244 -22.43 -8.84 15.43
N LEU A 245 -22.95 -7.64 15.55
CA LEU A 245 -23.90 -7.25 16.59
C LEU A 245 -24.38 -5.94 16.03
N TYR A 246 -24.74 -4.98 16.88
CA TYR A 246 -25.22 -3.71 16.39
C TYR A 246 -26.47 -3.91 15.51
N PRO A 247 -27.57 -4.40 16.11
CA PRO A 247 -28.86 -4.17 15.49
C PRO A 247 -29.21 -2.68 15.39
N GLN A 248 -29.92 -2.32 14.33
CA GLN A 248 -30.42 -0.98 14.02
C GLN A 248 -30.71 -0.03 15.20
N GLN A 249 -31.40 -0.53 16.23
CA GLN A 249 -31.85 0.32 17.35
C GLN A 249 -30.76 0.53 18.39
N ASN A 250 -29.79 -0.38 18.43
CA ASN A 250 -28.63 -0.23 19.30
C ASN A 250 -27.65 0.84 18.79
N LEU A 251 -27.94 1.38 17.60
CA LEU A 251 -27.05 2.28 16.88
C LEU A 251 -26.68 3.46 17.73
N ARG A 252 -25.38 3.64 17.91
CA ARG A 252 -24.88 4.72 18.73
C ARG A 252 -24.10 5.69 17.87
N GLN A 253 -24.64 6.90 17.75
CA GLN A 253 -24.04 7.95 16.96
C GLN A 253 -22.80 8.55 17.65
N PRO A 254 -21.63 8.47 17.01
CA PRO A 254 -20.40 9.03 17.60
C PRO A 254 -20.53 10.53 17.89
N ILE A 255 -19.98 11.00 19.01
CA ILE A 255 -20.04 12.42 19.40
C ILE A 255 -19.43 13.36 18.35
N ARG A 256 -20.21 14.32 17.89
CA ARG A 256 -19.76 15.25 16.89
C ARG A 256 -19.05 16.44 17.54
N ILE A 257 -17.77 16.64 17.23
CA ILE A 257 -17.05 17.77 17.79
C ILE A 257 -16.53 18.69 16.69
N VAL A 258 -17.00 19.94 16.72
CA VAL A 258 -16.65 20.93 15.72
C VAL A 258 -15.90 22.05 16.37
N ILE A 259 -14.72 22.37 15.85
CA ILE A 259 -13.96 23.56 16.27
C ILE A 259 -14.45 24.80 15.52
N ASP A 260 -14.90 25.83 16.26
CA ASP A 260 -14.85 27.19 15.69
C ASP A 260 -14.62 28.34 16.66
N SER A 261 -13.36 28.80 16.69
CA SER A 261 -12.92 29.98 17.40
C SER A 261 -13.95 31.09 17.29
N GLN A 262 -14.06 31.67 16.10
CA GLN A 262 -15.22 32.52 15.75
C GLN A 262 -16.40 31.60 15.61
N ASN A 263 -17.58 32.09 15.94
CA ASN A 263 -18.72 31.19 16.01
C ASN A 263 -19.51 31.25 14.73
N ARG A 264 -18.94 30.63 13.71
CA ARG A 264 -19.39 30.70 12.32
C ARG A 264 -20.52 29.72 12.02
N VAL A 265 -20.44 28.52 12.56
CA VAL A 265 -21.44 27.51 12.28
C VAL A 265 -22.76 27.97 12.88
N THR A 266 -23.85 27.74 12.15
CA THR A 266 -25.19 28.21 12.53
C THR A 266 -26.03 27.05 13.09
N PRO A 267 -27.07 27.37 13.88
CA PRO A 267 -28.00 26.34 14.34
C PRO A 267 -28.81 25.63 13.24
N VAL A 268 -28.66 26.07 11.99
CA VAL A 268 -29.47 25.56 10.90
C VAL A 268 -28.65 24.58 10.03
N HIS A 269 -27.34 24.55 10.26
CA HIS A 269 -26.44 23.58 9.63
C HIS A 269 -26.84 22.16 9.96
N ARG A 270 -26.64 21.27 8.99
CA ARG A 270 -27.12 19.90 9.10
C ARG A 270 -26.50 19.21 10.28
N ILE A 271 -25.29 19.61 10.63
CA ILE A 271 -24.58 18.86 11.63
C ILE A 271 -25.26 18.88 13.01
N VAL A 272 -26.00 19.93 13.29
CA VAL A 272 -26.56 20.07 14.63
C VAL A 272 -27.97 19.50 14.73
N GLN A 273 -28.54 19.08 13.61
CA GLN A 273 -29.88 18.53 13.62
C GLN A 273 -29.93 16.99 13.52
N GLN A 274 -28.77 16.35 13.47
CA GLN A 274 -28.67 14.89 13.52
C GLN A 274 -29.02 14.33 14.89
N PRO A 275 -29.49 13.08 14.96
CA PRO A 275 -29.57 12.40 16.26
C PRO A 275 -28.21 12.33 16.91
N GLY A 276 -28.13 12.55 18.21
CA GLY A 276 -26.86 12.50 18.92
C GLY A 276 -26.40 13.87 19.33
N GLU A 277 -25.22 13.95 19.95
CA GLU A 277 -24.73 15.20 20.48
C GLU A 277 -23.75 15.85 19.54
N THR A 278 -23.70 17.18 19.55
CA THR A 278 -22.64 17.88 18.88
C THR A 278 -22.10 18.94 19.83
N TRP A 279 -20.77 19.02 19.87
CA TRP A 279 -20.04 19.79 20.84
C TRP A 279 -19.17 20.79 20.10
N PHE A 280 -19.35 22.07 20.38
CA PHE A 280 -18.54 23.10 19.73
C PHE A 280 -17.39 23.52 20.62
N ALA A 281 -16.18 23.36 20.10
CA ALA A 281 -15.00 23.85 20.77
C ALA A 281 -14.89 25.33 20.45
N ARG A 282 -15.32 26.16 21.40
CA ARG A 282 -15.39 27.61 21.20
C ARG A 282 -14.33 28.33 22.00
N THR A 283 -13.97 29.50 21.50
CA THR A 283 -12.98 30.36 22.12
C THR A 283 -13.72 31.38 23.00
N GLN A 284 -15.01 31.54 22.73
CA GLN A 284 -15.89 32.45 23.47
C GLN A 284 -17.35 32.09 23.23
N GLU A 285 -18.15 32.17 24.29
CA GLU A 285 -19.56 31.75 24.26
C GLU A 285 -20.38 32.36 23.10
N ASP A 286 -21.06 31.47 22.36
CA ASP A 286 -21.99 31.86 21.29
C ASP A 286 -23.25 32.35 21.96
N SER A 287 -23.95 33.28 21.31
CA SER A 287 -25.13 33.89 21.90
C SER A 287 -26.47 33.32 21.45
N ARG A 288 -26.45 32.40 20.49
CA ARG A 288 -27.70 31.94 19.87
C ARG A 288 -28.40 30.82 20.65
N GLU A 289 -29.66 30.57 20.29
CA GLU A 289 -30.39 29.41 20.75
C GLU A 289 -29.97 28.14 19.96
N TRP A 290 -29.58 27.09 20.68
CA TRP A 290 -29.16 25.83 20.07
C TRP A 290 -30.00 24.69 20.60
N PRO A 291 -30.17 23.61 19.82
CA PRO A 291 -30.87 22.41 20.30
C PRO A 291 -30.34 21.89 21.64
N GLU A 292 -31.20 21.20 22.37
CA GLU A 292 -30.83 20.60 23.65
C GLU A 292 -29.60 19.68 23.54
N THR A 293 -29.34 19.16 22.35
CA THR A 293 -28.25 18.20 22.13
C THR A 293 -26.89 18.84 21.86
N VAL A 294 -26.86 20.16 21.72
CA VAL A 294 -25.61 20.89 21.47
C VAL A 294 -24.99 21.43 22.75
N ARG A 295 -23.70 21.18 22.94
CA ARG A 295 -22.96 21.70 24.08
C ARG A 295 -21.86 22.59 23.57
N THR A 296 -21.32 23.44 24.43
CA THR A 296 -20.10 24.14 24.05
C THR A 296 -19.02 24.02 25.08
N LEU A 297 -17.79 23.82 24.64
CA LEU A 297 -16.65 23.77 25.53
C LEU A 297 -15.81 25.00 25.28
N LEU A 298 -15.56 25.77 26.34
CA LEU A 298 -14.72 26.96 26.25
C LEU A 298 -13.25 26.58 26.33
N ILE A 299 -12.46 27.01 25.35
CA ILE A 299 -11.04 26.63 25.32
C ILE A 299 -10.15 27.88 25.26
N PRO A 300 -9.11 27.93 26.10
CA PRO A 300 -8.23 29.10 26.05
C PRO A 300 -7.47 29.18 24.75
N GLU A 301 -6.95 30.36 24.43
CA GLU A 301 -6.12 30.53 23.25
C GLU A 301 -4.64 30.30 23.52
N HIS A 302 -3.88 30.22 22.45
CA HIS A 302 -2.43 30.08 22.53
C HIS A 302 -1.85 30.69 21.27
N LYS A 303 -1.21 31.85 21.42
CA LYS A 303 -0.75 32.66 20.29
C LYS A 303 -1.86 32.90 19.23
N GLY A 304 -3.00 33.41 19.70
CA GLY A 304 -4.11 33.83 18.82
C GLY A 304 -4.93 32.75 18.12
N HIS A 305 -4.65 31.48 18.43
CA HIS A 305 -5.40 30.34 17.89
C HIS A 305 -6.05 29.62 19.07
N LEU A 306 -7.04 28.75 18.81
CA LEU A 306 -7.63 27.92 19.85
C LEU A 306 -6.65 26.82 20.21
N ASP A 307 -6.21 26.79 21.47
CA ASP A 307 -5.21 25.81 21.94
C ASP A 307 -5.71 24.36 21.87
N LEU A 308 -5.23 23.64 20.86
CA LEU A 308 -5.71 22.29 20.56
C LEU A 308 -5.42 21.29 21.66
N VAL A 309 -4.24 21.40 22.26
CA VAL A 309 -3.78 20.52 23.33
C VAL A 309 -4.75 20.55 24.53
N VAL A 310 -5.17 21.76 24.91
CA VAL A 310 -6.10 21.92 26.01
C VAL A 310 -7.47 21.34 25.62
N LEU A 311 -7.86 21.51 24.36
CA LEU A 311 -9.08 20.89 23.87
C LEU A 311 -9.05 19.38 24.09
N GLN A 314 -9.36 18.49 27.65
CA GLN A 314 -10.69 18.75 28.14
C GLN A 314 -11.62 17.63 27.69
N LEU A 315 -11.45 17.19 26.44
CA LEU A 315 -12.22 16.07 25.93
C LEU A 315 -11.85 14.81 26.68
N GLY A 316 -10.59 14.67 27.03
CA GLY A 316 -10.13 13.55 27.83
C GLY A 316 -10.86 13.50 29.16
N LYS A 317 -10.95 14.64 29.83
CA LYS A 317 -11.70 14.78 31.09
C LYS A 317 -13.17 14.51 30.88
N GLN A 318 -13.67 14.88 29.69
CA GLN A 318 -15.03 14.58 29.29
C GLN A 318 -15.21 13.09 28.94
N GLN A 319 -14.13 12.32 29.08
CA GLN A 319 -14.14 10.86 28.90
C GLN A 319 -14.20 10.37 27.44
N ILE A 320 -13.81 11.23 26.49
CA ILE A 320 -13.71 10.82 25.11
C ILE A 320 -12.52 9.87 24.91
N ASN A 321 -12.80 8.65 24.47
CA ASN A 321 -11.78 7.62 24.29
C ASN A 321 -11.01 7.84 23.00
N SER A 322 -11.74 8.18 21.93
CA SER A 322 -11.15 8.17 20.59
C SER A 322 -11.84 9.08 19.58
N ILE A 323 -11.03 9.90 18.94
CA ILE A 323 -11.51 10.89 18.01
C ILE A 323 -11.10 10.51 16.60
N TRP A 324 -12.09 10.31 15.73
CA TRP A 324 -11.85 10.08 14.34
C TRP A 324 -11.99 11.46 13.69
N VAL A 325 -10.89 11.96 13.13
CA VAL A 325 -10.85 13.32 12.55
C VAL A 325 -11.20 13.36 11.06
N GLU A 326 -12.29 14.03 10.72
CA GLU A 326 -12.60 14.33 9.31
C GLU A 326 -12.43 15.83 9.14
N ALA A 327 -11.19 16.27 9.03
CA ALA A 327 -10.91 17.70 8.80
C ALA A 327 -10.32 17.96 7.42
N GLY A 328 -10.20 19.24 7.06
CA GLY A 328 -9.49 19.66 5.86
C GLY A 328 -8.03 19.94 6.18
N PRO A 329 -7.26 20.41 5.18
CA PRO A 329 -5.82 20.58 5.28
C PRO A 329 -5.39 21.33 6.52
N THR A 330 -5.99 22.49 6.75
CA THR A 330 -5.50 23.38 7.80
C THR A 330 -5.47 22.66 9.15
N LEU A 331 -6.60 22.09 9.54
CA LEU A 331 -6.73 21.45 10.84
C LEU A 331 -5.82 20.22 10.92
N ALA A 332 -5.79 19.44 9.83
CA ALA A 332 -4.94 18.27 9.74
C ALA A 332 -3.48 18.65 10.07
N GLY A 333 -3.01 19.76 9.50
CA GLY A 333 -1.67 20.24 9.79
C GLY A 333 -1.49 20.69 11.23
N ALA A 334 -2.50 21.36 11.77
CA ALA A 334 -2.44 21.82 13.16
C ALA A 334 -2.22 20.63 14.09
N LEU A 335 -3.07 19.63 13.97
CA LEU A 335 -3.04 18.48 14.89
C LEU A 335 -1.69 17.78 14.80
N LEU A 336 -1.20 17.60 13.57
CA LEU A 336 0.10 16.97 13.35
C LEU A 336 1.22 17.73 14.06
N GLN A 337 1.29 19.05 13.84
CA GLN A 337 2.31 19.87 14.46
C GLN A 337 2.15 20.02 15.96
N ALA A 338 0.98 19.66 16.48
CA ALA A 338 0.76 19.73 17.92
C ALA A 338 1.25 18.46 18.58
N GLY A 339 1.56 17.46 17.75
CA GLY A 339 1.92 16.14 18.22
C GLY A 339 0.74 15.41 18.84
N LEU A 340 -0.42 15.54 18.23
CA LEU A 340 -1.63 15.02 18.83
C LEU A 340 -2.23 13.85 18.08
N VAL A 341 -1.54 13.41 17.02
CA VAL A 341 -2.10 12.38 16.14
C VAL A 341 -1.50 11.02 16.45
N ASP A 342 -2.33 10.08 16.88
CA ASP A 342 -1.85 8.77 17.28
C ASP A 342 -1.65 7.85 16.11
N GLU A 343 -2.59 7.88 15.18
CA GLU A 343 -2.42 7.13 13.97
C GLU A 343 -3.07 7.88 12.82
N LEU A 344 -2.69 7.56 11.60
CA LEU A 344 -3.36 8.15 10.47
C LEU A 344 -3.72 7.16 9.42
N ILE A 345 -4.90 7.31 8.85
CA ILE A 345 -5.42 6.38 7.89
C ILE A 345 -5.47 7.11 6.56
N VAL A 346 -4.70 6.62 5.60
CA VAL A 346 -4.54 7.33 4.34
C VAL A 346 -5.20 6.56 3.20
N TYR A 347 -6.18 7.21 2.58
CA TYR A 347 -6.86 6.64 1.42
C TYR A 347 -6.33 7.26 0.16
N ILE A 348 -5.84 6.43 -0.74
CA ILE A 348 -5.37 6.91 -2.02
C ILE A 348 -6.21 6.33 -3.15
N ALA A 349 -6.61 7.20 -4.08
CA ALA A 349 -7.34 6.79 -5.27
C ALA A 349 -6.43 6.86 -6.48
N PRO A 350 -6.57 5.90 -7.43
CA PRO A 350 -5.71 5.85 -8.60
C PRO A 350 -5.97 6.98 -9.60
N LYS A 351 -6.20 8.17 -9.08
CA LYS A 351 -6.36 9.36 -9.87
C LYS A 351 -5.13 10.23 -9.76
N LEU A 352 -4.90 11.05 -10.78
CA LEU A 352 -3.93 12.15 -10.71
C LEU A 352 -4.64 13.46 -11.09
N LEU A 353 -4.36 14.53 -10.36
CA LEU A 353 -5.16 15.78 -10.48
C LEU A 353 -4.42 17.08 -10.87
N GLY A 354 -5.20 18.07 -11.30
CA GLY A 354 -4.74 19.44 -11.53
C GLY A 354 -5.95 20.38 -11.55
N SER A 355 -6.92 20.08 -10.68
CA SER A 355 -8.27 20.64 -10.79
C SER A 355 -8.64 21.65 -9.68
N ASP A 356 -7.85 22.73 -9.57
CA ASP A 356 -7.84 23.62 -8.38
C ASP A 356 -8.57 23.03 -7.16
N ALA A 357 -8.44 21.71 -6.99
CA ALA A 357 -8.88 21.00 -5.81
C ALA A 357 -7.63 20.49 -5.10
N ARG A 358 -6.53 21.24 -5.27
CA ARG A 358 -5.22 20.87 -4.74
C ARG A 358 -5.12 21.11 -3.23
N GLY A 359 -4.15 20.44 -2.61
CA GLY A 359 -3.88 20.54 -1.18
C GLY A 359 -3.90 19.18 -0.54
N LEU A 360 -3.69 19.15 0.77
CA LEU A 360 -3.93 17.97 1.63
C LEU A 360 -3.44 18.23 3.05
N CYS A 361 -2.27 18.86 3.16
CA CYS A 361 -1.70 19.20 4.45
C CYS A 361 -1.07 20.59 4.44
N THR A 362 -1.11 21.26 5.59
CA THR A 362 -0.57 22.63 5.65
C THR A 362 0.89 22.75 6.15
N LEU A 363 1.16 22.38 7.41
CA LEU A 363 2.52 22.25 7.96
C LEU A 363 3.47 23.50 7.92
N PRO A 364 3.13 24.59 8.65
CA PRO A 364 4.04 25.76 8.69
C PRO A 364 5.40 25.54 9.37
N GLY A 365 5.97 24.33 9.24
CA GLY A 365 7.29 24.03 9.82
C GLY A 365 8.42 24.69 9.05
N PRO A 373 6.67 14.86 15.33
CA PRO A 373 5.66 13.86 14.95
C PRO A 373 5.96 13.24 13.58
N GLN A 374 6.45 11.99 13.58
CA GLN A 374 6.64 11.24 12.34
C GLN A 374 6.30 9.76 12.53
N PHE A 375 5.93 9.08 11.45
CA PHE A 375 5.20 7.82 11.56
C PHE A 375 5.93 6.58 11.08
N LYS A 376 5.32 5.43 11.36
CA LYS A 376 5.73 4.14 10.79
C LYS A 376 4.50 3.35 10.32
N PHE A 377 4.67 2.58 9.26
CA PHE A 377 3.55 1.88 8.64
C PHE A 377 3.08 0.71 9.48
N LYS A 378 1.78 0.45 9.44
CA LYS A 378 1.25 -0.70 10.10
C LYS A 378 0.58 -1.56 9.05
N GLU A 379 -0.67 -1.31 8.76
CA GLU A 379 -1.33 -2.17 7.80
C GLU A 379 -1.56 -1.42 6.50
N ILE A 380 -1.44 -2.10 5.39
CA ILE A 380 -1.79 -1.53 4.09
C ILE A 380 -2.72 -2.49 3.39
N ARG A 381 -3.78 -1.97 2.78
CA ARG A 381 -4.81 -2.85 2.23
C ARG A 381 -5.58 -2.20 1.11
N HIS A 382 -6.20 -3.02 0.27
CA HIS A 382 -7.02 -2.52 -0.81
C HIS A 382 -8.40 -2.19 -0.30
N VAL A 383 -9.04 -1.23 -0.94
CA VAL A 383 -10.41 -0.88 -0.64
C VAL A 383 -11.08 -0.52 -1.98
N GLY A 384 -11.49 -1.55 -2.70
CA GLY A 384 -11.98 -1.40 -4.06
C GLY A 384 -10.83 -0.93 -4.93
N PRO A 385 -11.04 0.14 -5.71
CA PRO A 385 -10.01 0.66 -6.60
C PRO A 385 -8.97 1.47 -5.81
N ASP A 386 -9.19 1.58 -4.51
CA ASP A 386 -8.36 2.42 -3.67
C ASP A 386 -7.49 1.58 -2.76
N VAL A 387 -6.45 2.22 -2.22
CA VAL A 387 -5.63 1.63 -1.17
C VAL A 387 -5.80 2.45 0.09
N CYS A 388 -5.62 1.82 1.24
CA CYS A 388 -5.73 2.51 2.51
C CYS A 388 -4.53 2.12 3.35
N LEU A 389 -3.68 3.10 3.64
CA LEU A 389 -2.45 2.86 4.37
C LEU A 389 -2.61 3.36 5.78
N HIS A 390 -2.46 2.45 6.74
CA HIS A 390 -2.52 2.79 8.16
C HIS A 390 -1.13 3.05 8.63
N LEU A 391 -0.96 4.15 9.34
CA LEU A 391 0.31 4.49 9.98
C LEU A 391 0.08 4.86 11.42
N VAL A 392 1.08 4.60 12.24
CA VAL A 392 1.00 4.90 13.66
C VAL A 392 2.21 5.75 14.07
N GLY A 393 2.07 6.46 15.20
CA GLY A 393 3.10 7.35 15.77
C GLY A 393 4.52 6.81 15.74
N ALA A 394 4.73 5.65 16.36
CA ALA A 394 6.03 4.93 16.35
C ALA A 394 5.92 3.57 17.07
N THR B 23 -6.19 -38.09 -23.26
CA THR B 23 -7.27 -37.07 -23.19
C THR B 23 -6.88 -35.96 -22.21
N LEU B 24 -7.24 -36.11 -20.94
CA LEU B 24 -6.90 -35.14 -19.90
C LEU B 24 -5.45 -35.26 -19.44
N TYR B 25 -4.91 -36.49 -19.53
CA TYR B 25 -3.54 -36.80 -19.08
C TYR B 25 -2.47 -35.99 -19.79
N ILE B 26 -2.60 -35.85 -21.11
CA ILE B 26 -1.67 -35.06 -21.92
C ILE B 26 -1.83 -33.56 -21.64
N GLN B 27 -3.08 -33.09 -21.55
CA GLN B 27 -3.38 -31.66 -21.32
C GLN B 27 -3.00 -31.15 -19.92
N GLY B 28 -2.97 -32.06 -18.93
CA GLY B 28 -2.58 -31.72 -17.57
C GLY B 28 -1.07 -31.80 -17.34
N GLN B 29 -0.43 -32.74 -18.03
CA GLN B 29 1.03 -32.90 -17.97
C GLN B 29 1.73 -31.78 -18.74
N ASP B 30 1.06 -31.22 -19.75
CA ASP B 30 1.59 -30.07 -20.50
C ASP B 30 1.86 -28.87 -19.60
N GLU B 31 0.90 -28.58 -18.70
CA GLU B 31 0.94 -27.44 -17.78
C GLU B 31 2.06 -27.54 -16.74
N TYR B 32 2.57 -28.74 -16.52
CA TYR B 32 3.72 -28.94 -15.66
C TYR B 32 4.98 -28.49 -16.40
N TYR B 33 5.17 -29.03 -17.60
CA TYR B 33 6.38 -28.79 -18.37
C TYR B 33 6.42 -27.41 -19.01
N ALA B 35 5.17 -24.75 -17.64
CA ALA B 35 5.47 -23.89 -16.49
C ALA B 35 6.95 -23.93 -16.20
N ARG B 36 7.55 -25.11 -16.36
CA ARG B 36 8.99 -25.28 -16.24
C ARG B 36 9.73 -24.47 -17.31
N ALA B 37 9.20 -24.44 -18.53
CA ALA B 37 9.81 -23.66 -19.61
C ALA B 37 9.69 -22.15 -19.36
N LEU B 38 8.58 -21.71 -18.78
CA LEU B 38 8.42 -20.30 -18.43
C LEU B 38 9.41 -19.87 -17.35
N LYS B 39 9.57 -20.72 -16.33
CA LYS B 39 10.54 -20.49 -15.26
C LYS B 39 11.96 -20.34 -15.80
N LEU B 40 12.35 -21.18 -16.75
CA LEU B 40 13.69 -21.10 -17.32
C LEU B 40 13.85 -19.80 -18.11
N ALA B 41 12.81 -19.42 -18.85
CA ALA B 41 12.85 -18.20 -19.65
C ALA B 41 13.11 -17.01 -18.74
N GLN B 42 12.43 -16.99 -17.60
CA GLN B 42 12.62 -15.93 -16.61
C GLN B 42 14.08 -15.76 -16.24
N ARG B 43 14.86 -16.83 -16.35
CA ARG B 43 16.22 -16.82 -15.86
C ARG B 43 17.17 -15.89 -16.63
N GLY B 44 16.77 -15.52 -17.84
CA GLY B 44 17.58 -14.62 -18.65
C GLY B 44 17.12 -13.17 -18.68
N ARG B 45 16.04 -12.87 -17.96
CA ARG B 45 15.40 -11.55 -17.99
C ARG B 45 16.33 -10.35 -17.81
N PHE B 46 17.44 -10.56 -17.08
CA PHE B 46 18.41 -9.51 -16.79
C PHE B 46 19.37 -9.25 -17.94
N THR B 47 19.71 -10.31 -18.68
CA THR B 47 20.81 -10.27 -19.64
C THR B 47 20.34 -10.29 -21.10
N THR B 48 19.04 -10.44 -21.28
CA THR B 48 18.50 -10.88 -22.54
C THR B 48 18.30 -9.80 -23.64
N HIS B 49 18.14 -8.54 -23.25
CA HIS B 49 17.85 -7.44 -24.19
C HIS B 49 18.93 -7.30 -25.26
N PRO B 50 18.52 -6.93 -26.50
CA PRO B 50 17.17 -6.62 -26.96
C PRO B 50 16.34 -7.85 -27.33
N ASN B 51 16.92 -9.02 -27.15
CA ASN B 51 16.24 -10.28 -27.40
C ASN B 51 15.23 -10.62 -26.32
N PRO B 52 14.17 -11.37 -26.67
CA PRO B 52 13.16 -11.78 -25.72
C PRO B 52 13.58 -12.98 -24.87
N ASN B 53 12.78 -13.26 -23.86
CA ASN B 53 12.99 -14.37 -22.95
C ASN B 53 12.28 -15.60 -23.46
N VAL B 54 13.02 -16.68 -23.70
CA VAL B 54 12.46 -17.89 -24.30
C VAL B 54 12.90 -19.11 -23.51
N GLY B 55 11.98 -20.02 -23.25
CA GLY B 55 12.31 -21.22 -22.47
C GLY B 55 12.02 -22.50 -23.22
N CYS B 56 12.93 -23.47 -23.10
CA CYS B 56 12.73 -24.74 -23.79
C CYS B 56 12.97 -25.99 -22.96
N VAL B 57 11.99 -26.88 -22.98
CA VAL B 57 12.06 -28.15 -22.28
C VAL B 57 11.68 -29.31 -23.21
N ILE B 58 12.57 -30.29 -23.35
CA ILE B 58 12.29 -31.44 -24.21
C ILE B 58 12.00 -32.70 -23.37
N VAL B 59 10.87 -33.35 -23.64
CA VAL B 59 10.38 -34.48 -22.84
C VAL B 59 10.26 -35.78 -23.66
N LYS B 60 10.69 -36.88 -23.05
CA LYS B 60 10.66 -38.20 -23.67
C LYS B 60 10.20 -39.27 -22.67
N ASP B 61 9.12 -39.96 -23.02
CA ASP B 61 8.30 -40.75 -22.08
C ASP B 61 8.56 -40.52 -20.57
N GLY B 62 8.15 -39.34 -20.10
CA GLY B 62 8.15 -39.00 -18.68
C GLY B 62 9.33 -38.21 -18.11
N GLU B 63 10.31 -37.86 -18.95
CA GLU B 63 11.53 -37.24 -18.43
C GLU B 63 12.12 -36.14 -19.29
N ILE B 64 12.63 -35.11 -18.63
CA ILE B 64 13.27 -34.00 -19.33
C ILE B 64 14.63 -34.40 -19.82
N VAL B 65 14.76 -34.56 -21.14
CA VAL B 65 16.01 -34.95 -21.75
C VAL B 65 16.87 -33.73 -22.12
N GLY B 66 16.22 -32.58 -22.27
CA GLY B 66 16.94 -31.33 -22.60
C GLY B 66 16.23 -30.11 -22.07
N GLU B 67 17.00 -29.16 -21.55
CA GLU B 67 16.50 -27.87 -21.05
C GLU B 67 17.34 -26.73 -21.59
N GLY B 68 16.75 -25.56 -21.73
CA GLY B 68 17.53 -24.41 -22.13
C GLY B 68 16.75 -23.13 -22.16
N TYR B 69 17.45 -22.01 -22.09
CA TYR B 69 16.82 -20.69 -22.23
C TYR B 69 17.79 -19.70 -22.84
N HIS B 70 17.29 -18.53 -23.24
CA HIS B 70 18.11 -17.55 -23.93
C HIS B 70 18.80 -16.59 -22.97
N GLN B 71 20.14 -16.66 -22.94
CA GLN B 71 20.93 -15.88 -21.99
C GLN B 71 21.31 -14.49 -22.50
N ARG B 72 21.89 -14.40 -23.70
CA ARG B 72 22.38 -13.13 -24.25
C ARG B 72 22.01 -13.01 -25.73
N ALA B 73 22.16 -11.83 -26.32
CA ALA B 73 21.82 -11.60 -27.73
C ALA B 73 22.68 -12.39 -28.73
N GLY B 74 23.98 -12.49 -28.45
CA GLY B 74 24.90 -13.24 -29.32
C GLY B 74 24.81 -14.74 -29.10
N GLU B 75 24.48 -15.11 -27.86
CA GLU B 75 24.38 -16.51 -27.43
C GLU B 75 23.30 -17.30 -28.19
N PRO B 76 23.41 -18.64 -28.17
CA PRO B 76 22.44 -19.54 -28.78
C PRO B 76 21.02 -19.30 -28.28
N HIS B 77 20.02 -19.63 -29.09
CA HIS B 77 18.64 -19.58 -28.64
C HIS B 77 18.36 -20.70 -27.65
N ALA B 78 17.27 -20.56 -26.89
CA ALA B 78 16.84 -21.55 -25.90
C ALA B 78 16.70 -22.98 -26.43
N GLU B 79 16.15 -23.09 -27.64
CA GLU B 79 15.91 -24.38 -28.27
C GLU B 79 17.23 -25.04 -28.61
N VAL B 80 18.17 -24.26 -29.13
CA VAL B 80 19.51 -24.74 -29.47
C VAL B 80 20.12 -25.37 -28.23
N HIS B 81 20.06 -24.65 -27.11
CA HIS B 81 20.59 -25.15 -25.85
C HIS B 81 19.95 -26.47 -25.47
N ALA B 82 18.62 -26.51 -25.38
CA ALA B 82 17.91 -27.76 -25.02
C ALA B 82 18.24 -28.91 -25.98
N LEU B 83 18.30 -28.63 -27.28
CA LEU B 83 18.67 -29.62 -28.29
C LEU B 83 20.07 -30.22 -28.06
N ARG B 84 21.08 -29.36 -27.96
CA ARG B 84 22.44 -29.81 -27.67
C ARG B 84 22.43 -30.74 -26.49
N ALA B 86 19.73 -32.48 -25.19
CA ALA B 86 18.93 -33.68 -25.42
C ALA B 86 19.63 -34.74 -26.29
N GLY B 87 20.45 -34.28 -27.23
CA GLY B 87 21.11 -35.16 -28.19
C GLY B 87 20.13 -36.00 -28.98
N GLU B 88 20.42 -37.30 -29.06
CA GLU B 88 19.61 -38.27 -29.78
C GLU B 88 18.24 -38.52 -29.14
N LYS B 89 18.12 -38.23 -27.85
CA LYS B 89 16.88 -38.43 -27.10
C LYS B 89 15.75 -37.47 -27.51
N ALA B 90 16.11 -36.45 -28.30
CA ALA B 90 15.16 -35.47 -28.82
C ALA B 90 14.13 -36.11 -29.76
N LYS B 91 14.57 -37.10 -30.54
CA LYS B 91 13.75 -37.85 -31.51
C LYS B 91 12.31 -38.08 -31.03
N GLY B 92 12.15 -39.00 -30.09
CA GLY B 92 10.85 -39.43 -29.60
C GLY B 92 9.74 -38.40 -29.55
N ALA B 93 9.65 -37.64 -28.45
CA ALA B 93 8.46 -36.82 -28.21
C ALA B 93 8.69 -35.31 -27.98
N THR B 94 7.98 -34.79 -26.98
CA THR B 94 7.51 -33.40 -26.93
C THR B 94 8.53 -32.33 -26.60
N ALA B 95 8.51 -31.25 -27.37
CA ALA B 95 9.37 -30.09 -27.14
C ALA B 95 8.57 -28.85 -26.72
N TYR B 96 8.58 -28.54 -25.43
CA TYR B 96 7.83 -27.41 -24.89
C TYR B 96 8.59 -26.09 -25.04
N VAL B 97 8.02 -25.18 -25.84
CA VAL B 97 8.61 -23.86 -26.03
C VAL B 97 7.69 -22.72 -25.57
N THR B 98 8.28 -21.54 -25.43
CA THR B 98 7.66 -20.35 -24.87
C THR B 98 7.16 -19.40 -25.97
N LEU B 99 7.91 -19.36 -27.07
CA LEU B 99 7.66 -18.47 -28.18
C LEU B 99 8.08 -19.20 -29.46
N GLU B 100 7.17 -19.23 -30.44
CA GLU B 100 7.39 -19.91 -31.71
C GLU B 100 8.83 -19.73 -32.24
N PRO B 101 9.44 -20.81 -32.76
CA PRO B 101 10.85 -20.71 -33.17
C PRO B 101 11.04 -20.16 -34.58
N CYS B 102 12.28 -20.23 -35.08
CA CYS B 102 12.63 -19.96 -36.49
C CYS B 102 12.61 -18.46 -36.90
N SER B 103 12.50 -18.22 -38.21
CA SER B 103 12.44 -16.88 -38.82
C SER B 103 13.05 -15.73 -38.01
N ASP B 113 13.76 -25.46 -38.20
CA ASP B 113 15.17 -25.69 -38.52
C ASP B 113 15.70 -26.88 -37.73
N ALA B 114 16.07 -26.60 -36.48
CA ALA B 114 16.76 -27.56 -35.61
C ALA B 114 15.87 -28.72 -35.19
N LEU B 115 14.66 -28.41 -34.76
CA LEU B 115 13.68 -29.39 -34.28
C LEU B 115 13.22 -30.38 -35.37
N ILE B 116 13.40 -29.99 -36.62
CA ILE B 116 13.15 -30.89 -37.75
C ILE B 116 14.24 -31.96 -37.74
N ALA B 117 15.50 -31.53 -37.90
CA ALA B 117 16.66 -32.44 -37.92
C ALA B 117 16.83 -33.20 -36.61
N ALA B 118 16.56 -32.52 -35.49
CA ALA B 118 16.56 -33.12 -34.16
C ALA B 118 15.65 -34.34 -34.13
N GLY B 119 14.53 -34.22 -34.84
CA GLY B 119 13.59 -35.31 -35.04
C GLY B 119 12.42 -35.38 -34.08
N VAL B 120 12.03 -34.24 -33.50
CA VAL B 120 10.89 -34.23 -32.58
C VAL B 120 9.56 -34.44 -33.30
N ALA B 121 8.69 -35.25 -32.70
CA ALA B 121 7.27 -35.21 -33.01
C ALA B 121 6.65 -34.39 -31.88
N ARG B 122 5.70 -33.53 -32.21
CA ARG B 122 5.06 -32.61 -31.26
C ARG B 122 5.97 -31.49 -30.71
N VAL B 123 5.56 -30.25 -30.95
CA VAL B 123 6.12 -29.07 -30.29
C VAL B 123 4.97 -28.18 -29.81
N VAL B 124 4.97 -27.88 -28.52
CA VAL B 124 3.96 -26.99 -27.94
C VAL B 124 4.57 -25.61 -27.72
N ALA B 125 4.08 -24.62 -28.46
CA ALA B 125 4.50 -23.24 -28.28
C ALA B 125 3.45 -22.46 -27.49
N SER B 126 3.91 -21.65 -26.55
CA SER B 126 2.99 -20.93 -25.67
C SER B 126 2.31 -19.75 -26.36
N GLN B 128 2.44 -17.28 -30.31
CA GLN B 128 2.69 -17.48 -31.73
C GLN B 128 3.79 -16.60 -32.38
N ASP B 129 4.15 -15.49 -31.73
CA ASP B 129 5.11 -14.52 -32.28
C ASP B 129 4.41 -13.26 -32.80
N PRO B 130 4.83 -12.06 -32.31
CA PRO B 130 4.27 -10.74 -32.71
C PRO B 130 4.45 -10.33 -34.19
N ASN B 131 5.70 -10.07 -34.57
CA ASN B 131 6.06 -9.60 -35.93
C ASN B 131 5.57 -10.48 -37.07
N GLN B 133 2.95 -9.03 -37.40
CA GLN B 133 2.02 -10.08 -37.82
C GLN B 133 2.33 -10.65 -39.21
N VAL B 134 3.25 -10.01 -39.93
CA VAL B 134 3.57 -10.41 -41.31
C VAL B 134 4.23 -11.81 -41.35
N ALA B 135 5.59 -11.79 -41.40
CA ALA B 135 6.34 -13.05 -41.40
C ALA B 135 6.43 -13.59 -39.96
N GLY B 136 5.31 -14.14 -39.49
CA GLY B 136 5.25 -14.71 -38.16
C GLY B 136 4.32 -15.90 -38.13
N ARG B 137 4.60 -16.89 -38.99
CA ARG B 137 3.74 -18.07 -39.15
C ARG B 137 4.48 -19.43 -39.26
N GLY B 138 5.82 -19.36 -39.27
CA GLY B 138 6.64 -20.58 -39.30
C GLY B 138 6.49 -21.55 -38.13
N LEU B 139 5.32 -21.49 -37.48
CA LEU B 139 4.90 -22.48 -36.50
C LEU B 139 4.44 -23.70 -37.27
N TYR B 140 3.77 -23.44 -38.39
CA TYR B 140 3.28 -24.49 -39.30
C TYR B 140 4.42 -25.15 -40.08
N ARG B 141 5.52 -24.40 -40.25
CA ARG B 141 6.72 -24.85 -40.96
C ARG B 141 7.26 -26.20 -40.43
N LEU B 142 6.98 -26.47 -39.16
CA LEU B 142 7.37 -27.73 -38.51
C LEU B 142 6.40 -28.86 -38.84
N GLN B 143 5.10 -28.52 -38.89
CA GLN B 143 4.06 -29.47 -39.29
C GLN B 143 4.21 -29.86 -40.75
N GLN B 144 4.96 -29.03 -41.49
CA GLN B 144 5.37 -29.32 -42.86
C GLN B 144 6.11 -30.66 -42.90
N ALA B 145 6.84 -30.96 -41.83
CA ALA B 145 7.49 -32.26 -41.67
C ALA B 145 6.74 -33.11 -40.63
N GLY B 146 5.41 -33.05 -40.67
CA GLY B 146 4.53 -33.91 -39.87
C GLY B 146 4.65 -33.85 -38.36
N ILE B 147 5.01 -32.67 -37.83
CA ILE B 147 5.07 -32.50 -36.39
C ILE B 147 3.72 -32.07 -35.84
N ASP B 148 3.31 -32.69 -34.73
CA ASP B 148 2.05 -32.41 -34.06
C ASP B 148 2.09 -31.09 -33.25
N VAL B 149 2.04 -29.97 -33.96
CA VAL B 149 2.14 -28.63 -33.35
C VAL B 149 0.88 -28.24 -32.55
N SER B 150 0.95 -27.11 -31.86
CA SER B 150 -0.07 -26.68 -30.90
C SER B 150 0.40 -25.41 -30.20
N HIS B 151 -0.48 -24.41 -30.08
CA HIS B 151 -0.11 -23.15 -29.44
C HIS B 151 -1.18 -22.58 -28.51
N GLY B 152 -0.80 -21.59 -27.72
CA GLY B 152 -1.72 -20.88 -26.85
C GLY B 152 -1.63 -21.22 -25.38
N LEU B 153 -0.86 -22.25 -25.04
CA LEU B 153 -0.80 -22.75 -23.67
C LEU B 153 -0.15 -21.76 -22.71
N SER B 156 -1.11 -16.09 -21.44
CA SER B 156 -1.16 -15.07 -20.41
C SER B 156 0.22 -14.88 -19.75
N GLU B 157 0.80 -15.98 -19.25
CA GLU B 157 2.07 -15.95 -18.53
C GLU B 157 3.26 -15.61 -19.42
N ALA B 158 3.27 -16.18 -20.63
CA ALA B 158 4.36 -15.93 -21.59
C ALA B 158 4.35 -14.50 -22.10
N GLU B 159 3.15 -13.90 -22.19
CA GLU B 159 3.01 -12.50 -22.53
C GLU B 159 3.66 -11.65 -21.44
N GLN B 160 3.25 -11.87 -20.19
CA GLN B 160 3.82 -11.16 -19.06
C GLN B 160 5.33 -11.31 -18.94
N LEU B 161 5.87 -12.37 -19.50
CA LEU B 161 7.30 -12.63 -19.52
C LEU B 161 8.10 -11.63 -20.40
N ASN B 162 7.45 -11.03 -21.40
CA ASN B 162 8.13 -10.15 -22.35
C ASN B 162 7.38 -8.87 -22.68
N LYS B 163 6.74 -8.28 -21.67
CA LYS B 163 6.03 -7.01 -21.81
C LYS B 163 6.76 -6.02 -22.69
N GLY B 164 7.99 -5.69 -22.32
CA GLY B 164 8.80 -4.71 -23.05
C GLY B 164 8.94 -5.02 -24.52
N PHE B 165 9.63 -6.12 -24.83
CA PHE B 165 9.81 -6.65 -26.19
C PHE B 165 8.52 -6.75 -27.01
N LEU B 166 7.52 -7.44 -26.47
CA LEU B 166 6.24 -7.57 -27.17
C LEU B 166 5.56 -6.23 -27.48
N LYS B 167 5.65 -5.26 -26.58
CA LYS B 167 5.13 -3.92 -26.85
C LYS B 167 5.93 -3.17 -27.92
N ARG B 168 7.26 -3.31 -27.90
CA ARG B 168 8.09 -2.68 -28.90
C ARG B 168 7.77 -3.26 -30.26
N ARG B 170 4.70 -4.95 -31.25
CA ARG B 170 3.34 -4.62 -31.70
C ARG B 170 3.17 -3.13 -32.02
N THR B 171 3.43 -2.28 -31.04
CA THR B 171 3.44 -0.81 -31.22
C THR B 171 4.86 -0.37 -31.58
N GLY B 172 5.08 0.92 -31.81
CA GLY B 172 6.45 1.38 -32.03
C GLY B 172 7.30 1.54 -30.77
N PHE B 173 6.65 1.53 -29.61
CA PHE B 173 7.17 2.14 -28.39
C PHE B 173 7.72 1.16 -27.39
N PRO B 174 8.81 1.58 -26.68
CA PRO B 174 9.31 0.82 -25.54
C PRO B 174 8.27 0.81 -24.41
N TYR B 175 8.51 -0.01 -23.39
CA TYR B 175 7.63 -0.12 -22.25
C TYR B 175 8.22 0.73 -21.12
N ILE B 176 7.41 1.63 -20.56
CA ILE B 176 7.95 2.62 -19.64
C ILE B 176 7.43 2.45 -18.21
N GLN B 177 8.36 2.33 -17.26
CA GLN B 177 8.06 2.29 -15.84
C GLN B 177 8.51 3.58 -15.18
N LEU B 178 7.56 4.35 -14.67
CA LEU B 178 7.91 5.59 -14.03
C LEU B 178 8.05 5.34 -12.54
N LYS B 179 9.23 5.62 -11.98
CA LYS B 179 9.38 5.47 -10.53
C LYS B 179 9.30 6.83 -9.87
N LEU B 180 8.49 6.89 -8.83
CA LEU B 180 8.36 8.09 -8.03
C LEU B 180 8.67 7.77 -6.58
N GLY B 181 9.30 8.70 -5.90
CA GLY B 181 9.50 8.58 -4.47
C GLY B 181 8.87 9.79 -3.82
N ALA B 182 7.79 9.59 -3.08
CA ALA B 182 7.06 10.70 -2.48
C ALA B 182 6.86 10.52 -0.98
N SER B 183 6.39 11.56 -0.31
CA SER B 183 6.03 11.43 1.08
C SER B 183 4.52 11.16 1.18
N LEU B 184 4.00 11.11 2.41
CA LEU B 184 2.60 10.73 2.62
C LEU B 184 1.66 11.64 1.84
N ASP B 185 2.04 12.91 1.75
CA ASP B 185 1.22 13.94 1.13
C ASP B 185 1.78 14.37 -0.22
N GLY B 186 2.16 13.39 -1.05
CA GLY B 186 2.90 13.67 -2.28
C GLY B 186 4.19 14.37 -1.90
N ARG B 187 4.69 15.25 -2.75
CA ARG B 187 5.86 16.08 -2.41
C ARG B 187 7.16 15.26 -2.30
N THR B 188 8.29 15.88 -2.65
CA THR B 188 9.61 15.21 -2.66
C THR B 188 10.73 16.10 -2.14
N ALA B 189 11.83 15.46 -1.72
CA ALA B 189 13.16 16.09 -1.52
C ALA B 189 13.22 17.44 -0.81
N ALA B 191 12.90 20.39 -1.28
CA ALA B 191 13.17 21.56 -2.11
C ALA B 191 12.89 21.27 -3.59
N SER B 192 12.79 22.34 -4.38
CA SER B 192 12.52 22.25 -5.82
C SER B 192 13.58 21.46 -6.61
N GLY B 193 14.85 21.63 -6.23
CA GLY B 193 15.95 20.89 -6.85
C GLY B 193 15.46 19.60 -7.47
N GLU B 194 15.34 19.61 -8.80
CA GLU B 194 14.84 18.48 -9.63
C GLU B 194 15.46 17.09 -9.34
N SER B 195 16.26 17.03 -8.28
CA SER B 195 16.76 15.78 -7.71
C SER B 195 15.64 14.83 -7.32
N GLN B 196 15.91 13.53 -7.40
CA GLN B 196 14.96 12.52 -6.96
C GLN B 196 15.19 12.10 -5.53
N TRP B 197 14.09 12.00 -4.79
CA TRP B 197 14.14 11.57 -3.42
C TRP B 197 14.22 10.06 -3.40
N ILE B 198 15.29 9.56 -2.78
CA ILE B 198 15.50 8.13 -2.63
C ILE B 198 15.20 7.83 -1.17
N THR B 199 14.02 7.26 -0.98
CA THR B 199 13.32 7.19 0.31
C THR B 199 13.99 6.41 1.44
N SER B 200 14.65 5.29 1.11
CA SER B 200 15.27 4.44 2.12
C SER B 200 16.32 3.50 1.50
N PRO B 201 17.20 2.90 2.32
CA PRO B 201 18.17 1.95 1.78
C PRO B 201 17.46 0.74 1.17
N GLN B 202 16.36 0.33 1.79
CA GLN B 202 15.58 -0.81 1.35
C GLN B 202 14.92 -0.46 0.02
N ALA B 203 14.45 0.78 -0.09
CA ALA B 203 13.86 1.25 -1.36
C ALA B 203 14.89 1.29 -2.48
N ARG B 204 16.11 1.67 -2.17
CA ARG B 204 17.17 1.66 -3.16
C ARG B 204 17.43 0.23 -3.62
N ARG B 205 17.54 -0.70 -2.67
CA ARG B 205 17.86 -2.06 -3.03
C ARG B 205 16.75 -2.68 -3.89
N ASP B 206 15.50 -2.32 -3.60
CA ASP B 206 14.38 -2.81 -4.37
C ASP B 206 14.44 -2.34 -5.83
N VAL B 207 14.76 -1.06 -5.99
CA VAL B 207 14.89 -0.44 -7.30
C VAL B 207 16.01 -1.08 -8.14
N GLN B 208 17.11 -1.44 -7.48
CA GLN B 208 18.25 -2.09 -8.14
C GLN B 208 17.80 -3.33 -8.92
N LEU B 209 17.01 -4.16 -8.25
CA LEU B 209 16.48 -5.37 -8.86
C LEU B 209 15.57 -5.05 -10.06
N LEU B 210 14.76 -3.99 -9.93
CA LEU B 210 13.85 -3.57 -10.99
C LEU B 210 14.61 -2.95 -12.16
N ARG B 211 15.66 -2.21 -11.83
CA ARG B 211 16.59 -1.64 -12.81
C ARG B 211 17.28 -2.75 -13.60
N ALA B 212 17.60 -3.86 -12.93
CA ALA B 212 18.49 -4.84 -13.51
C ALA B 212 17.85 -5.65 -14.63
N GLN B 213 16.52 -5.61 -14.73
CA GLN B 213 15.85 -6.35 -15.80
C GLN B 213 15.26 -5.42 -16.84
N SER B 214 15.44 -4.12 -16.61
CA SER B 214 15.07 -3.05 -17.52
C SER B 214 16.13 -2.92 -18.63
N HIS B 215 15.70 -2.68 -19.88
CA HIS B 215 16.65 -2.57 -20.99
C HIS B 215 17.47 -1.33 -20.77
N ALA B 216 16.79 -0.22 -20.50
CA ALA B 216 17.45 1.07 -20.33
C ALA B 216 16.97 1.77 -19.05
N ILE B 217 17.73 2.79 -18.62
CA ILE B 217 17.36 3.67 -17.52
C ILE B 217 17.29 5.09 -18.04
N LEU B 218 16.15 5.76 -17.90
CA LEU B 218 16.01 7.14 -18.39
C LEU B 218 15.95 8.20 -17.27
N THR B 219 16.59 9.34 -17.52
CA THR B 219 16.57 10.48 -16.61
C THR B 219 16.74 11.81 -17.35
N SER B 220 16.49 12.91 -16.65
CA SER B 220 16.69 14.25 -17.21
C SER B 220 18.01 14.86 -16.73
N SER B 221 18.57 15.77 -17.52
CA SER B 221 19.83 16.42 -17.17
C SER B 221 19.73 17.09 -15.81
N ALA B 222 18.59 17.73 -15.55
CA ALA B 222 18.36 18.40 -14.28
C ALA B 222 18.59 17.48 -13.07
N THR B 223 18.36 16.17 -13.25
CA THR B 223 18.63 15.19 -12.18
C THR B 223 20.14 14.91 -12.07
N VAL B 224 20.80 14.79 -13.21
CA VAL B 224 22.25 14.55 -13.26
C VAL B 224 23.03 15.73 -12.67
N LEU B 225 22.55 16.94 -12.93
CA LEU B 225 23.18 18.13 -12.38
C LEU B 225 22.95 18.24 -10.87
N ALA B 226 21.83 17.71 -10.40
CA ALA B 226 21.42 17.86 -9.00
C ALA B 226 21.93 16.73 -8.13
N ASP B 227 22.17 15.58 -8.74
CA ASP B 227 22.49 14.37 -8.00
C ASP B 227 23.82 13.73 -8.38
N ASP B 228 24.29 14.00 -9.60
CA ASP B 228 25.49 13.38 -10.16
C ASP B 228 25.51 11.86 -9.96
N PRO B 229 24.44 11.17 -10.39
CA PRO B 229 24.29 9.76 -10.07
C PRO B 229 25.06 8.87 -11.04
N ALA B 230 25.24 7.61 -10.68
CA ALA B 230 25.82 6.62 -11.58
C ALA B 230 24.74 5.89 -12.41
N LEU B 231 23.52 5.83 -11.87
CA LEU B 231 22.42 5.06 -12.48
C LEU B 231 22.89 3.76 -13.12
N THR B 232 23.68 3.00 -12.38
CA THR B 232 24.08 1.65 -12.79
C THR B 232 23.43 0.65 -11.86
N VAL B 233 23.69 -0.63 -12.11
CA VAL B 233 23.32 -1.67 -11.18
C VAL B 233 24.58 -2.11 -10.46
N ARG B 234 24.59 -1.92 -9.15
CA ARG B 234 25.59 -2.54 -8.29
C ARG B 234 25.09 -3.95 -8.03
N TRP B 235 25.87 -4.94 -8.44
CA TRP B 235 25.53 -6.34 -8.21
C TRP B 235 25.29 -6.64 -6.72
N SER B 236 26.12 -6.08 -5.85
CA SER B 236 26.06 -6.39 -4.41
C SER B 236 24.76 -5.98 -3.73
N GLU B 237 23.86 -5.36 -4.48
CA GLU B 237 22.58 -4.89 -3.95
C GLU B 237 21.43 -5.80 -4.36
N LEU B 238 21.80 -6.90 -5.02
CA LEU B 238 20.85 -7.95 -5.37
C LEU B 238 20.89 -9.07 -4.33
N ASP B 239 19.84 -9.87 -4.25
CA ASP B 239 19.69 -10.90 -3.19
C ASP B 239 20.13 -12.34 -3.55
N GLU B 240 19.18 -13.28 -3.62
CA GLU B 240 19.39 -14.65 -4.16
C GLU B 240 19.04 -14.75 -5.66
N GLN B 241 18.59 -13.62 -6.22
CA GLN B 241 18.62 -13.39 -7.66
C GLN B 241 20.09 -13.47 -8.10
N THR B 242 20.97 -13.25 -7.14
CA THR B 242 22.42 -13.28 -7.31
C THR B 242 22.92 -14.66 -7.73
N GLN B 243 22.29 -15.69 -7.20
CA GLN B 243 22.71 -17.06 -7.48
C GLN B 243 21.85 -17.69 -8.55
N ALA B 244 20.52 -17.59 -8.39
CA ALA B 244 19.51 -18.33 -9.19
C ALA B 244 19.92 -18.39 -10.64
N LEU B 245 20.33 -17.22 -11.14
CA LEU B 245 21.37 -17.10 -12.15
C LEU B 245 21.95 -15.72 -11.97
N TYR B 246 22.38 -15.08 -13.05
CA TYR B 246 23.06 -13.78 -12.98
C TYR B 246 24.31 -13.84 -12.11
N PRO B 247 25.29 -14.67 -12.50
CA PRO B 247 26.53 -14.62 -11.76
C PRO B 247 27.31 -13.33 -12.04
N GLN B 248 27.82 -12.74 -10.96
CA GLN B 248 28.71 -11.56 -10.98
C GLN B 248 29.11 -11.05 -12.37
N GLN B 249 29.97 -11.77 -13.07
CA GLN B 249 30.58 -11.26 -14.32
C GLN B 249 29.57 -11.08 -15.46
N ASN B 250 28.51 -11.88 -15.45
CA ASN B 250 27.43 -11.75 -16.45
C ASN B 250 26.65 -10.44 -16.36
N LEU B 251 26.94 -9.63 -15.34
CA LEU B 251 26.20 -8.41 -15.03
C LEU B 251 26.09 -7.44 -16.20
N ARG B 252 24.86 -7.18 -16.62
CA ARG B 252 24.59 -6.32 -17.77
C ARG B 252 24.06 -4.96 -17.32
N GLN B 253 24.75 -3.90 -17.73
CA GLN B 253 24.42 -2.55 -17.33
C GLN B 253 23.41 -1.97 -18.28
N PRO B 254 22.20 -1.61 -17.78
CA PRO B 254 21.22 -1.02 -18.69
C PRO B 254 21.73 0.26 -19.30
N ILE B 255 21.44 0.43 -20.60
CA ILE B 255 21.72 1.65 -21.33
C ILE B 255 21.20 2.86 -20.54
N ARG B 256 22.02 3.91 -20.45
CA ARG B 256 21.64 5.10 -19.71
C ARG B 256 21.21 6.21 -20.66
N ILE B 257 19.95 6.60 -20.58
CA ILE B 257 19.41 7.61 -21.47
C ILE B 257 19.17 8.90 -20.72
N VAL B 258 19.77 9.98 -21.23
CA VAL B 258 19.69 11.28 -20.57
C VAL B 258 19.08 12.30 -21.52
N ILE B 259 18.09 13.02 -21.01
CA ILE B 259 17.49 14.13 -21.74
C ILE B 259 18.14 15.46 -21.30
N ASP B 260 18.81 16.14 -22.21
CA ASP B 260 19.05 17.58 -22.03
C ASP B 260 19.04 18.40 -23.32
N SER B 261 18.02 19.24 -23.42
CA SER B 261 17.79 20.12 -24.55
C SER B 261 19.05 20.91 -24.78
N GLN B 262 19.35 21.81 -23.85
CA GLN B 262 20.68 22.40 -23.70
C GLN B 262 21.61 21.31 -23.21
N ASN B 263 22.89 21.42 -23.54
CA ASN B 263 23.84 20.36 -23.22
C ASN B 263 24.52 20.60 -21.88
N ARG B 264 23.70 20.72 -20.83
CA ARG B 264 24.16 21.11 -19.50
C ARG B 264 25.03 20.08 -18.77
N VAL B 265 24.74 18.80 -18.95
CA VAL B 265 25.56 17.73 -18.36
C VAL B 265 26.92 17.77 -19.02
N THR B 266 27.96 17.71 -18.19
CA THR B 266 29.35 17.84 -18.63
C THR B 266 30.01 16.46 -18.69
N PRO B 267 30.99 16.26 -19.61
CA PRO B 267 31.65 14.96 -19.73
C PRO B 267 32.37 14.51 -18.45
N VAL B 268 32.52 15.43 -17.50
CA VAL B 268 33.14 15.12 -16.22
C VAL B 268 32.17 14.42 -15.27
N HIS B 269 30.88 14.43 -15.60
CA HIS B 269 29.85 13.83 -14.75
C HIS B 269 29.95 12.31 -14.59
N ARG B 270 29.72 11.85 -13.36
CA ARG B 270 29.83 10.43 -13.01
C ARG B 270 29.17 9.49 -14.02
N ILE B 271 28.02 9.90 -14.52
CA ILE B 271 27.17 9.02 -15.31
C ILE B 271 27.83 8.47 -16.58
N VAL B 272 28.65 9.29 -17.22
CA VAL B 272 29.24 8.89 -18.50
C VAL B 272 30.50 8.06 -18.35
N GLN B 273 31.06 8.06 -17.15
CA GLN B 273 32.29 7.32 -16.90
C GLN B 273 32.04 5.98 -16.20
N GLN B 274 30.77 5.57 -16.17
CA GLN B 274 30.39 4.24 -15.72
C GLN B 274 30.59 3.25 -16.86
N PRO B 275 30.90 1.98 -16.53
CA PRO B 275 30.97 0.97 -17.59
C PRO B 275 29.64 0.85 -18.32
N GLY B 276 29.68 0.67 -19.64
CA GLY B 276 28.46 0.61 -20.46
C GLY B 276 28.13 1.92 -21.15
N GLU B 277 27.16 1.88 -22.04
CA GLU B 277 26.76 3.06 -22.80
C GLU B 277 25.91 4.07 -22.03
N THR B 278 26.02 5.32 -22.43
CA THR B 278 25.10 6.37 -21.98
C THR B 278 24.74 7.32 -23.13
N TRP B 279 23.47 7.29 -23.52
CA TRP B 279 22.97 7.98 -24.68
C TRP B 279 22.27 9.27 -24.28
N PHE B 280 22.74 10.38 -24.82
CA PHE B 280 22.11 11.68 -24.60
C PHE B 280 21.09 12.01 -25.68
N ALA B 281 19.91 12.45 -25.24
CA ALA B 281 18.89 12.96 -26.14
C ALA B 281 19.05 14.48 -26.19
N ARG B 282 19.64 14.96 -27.28
CA ARG B 282 20.05 16.36 -27.39
C ARG B 282 19.19 17.10 -28.41
N THR B 283 18.99 18.39 -28.18
CA THR B 283 18.24 19.24 -29.12
C THR B 283 19.14 19.60 -30.28
N GLN B 284 20.45 19.60 -30.03
CA GLN B 284 21.47 19.69 -31.08
C GLN B 284 22.79 19.11 -30.60
N GLU B 285 23.65 18.73 -31.54
CA GLU B 285 24.93 18.10 -31.24
C GLU B 285 25.77 18.87 -30.22
N ASP B 286 26.51 18.14 -29.39
CA ASP B 286 27.45 18.75 -28.46
C ASP B 286 28.79 18.98 -29.15
N SER B 287 29.57 19.95 -28.65
CA SER B 287 30.85 20.34 -29.25
C SER B 287 32.07 19.62 -28.66
N ARG B 288 31.93 19.12 -27.42
CA ARG B 288 33.05 18.58 -26.64
C ARG B 288 33.46 17.15 -26.99
N GLU B 289 34.44 16.63 -26.25
CA GLU B 289 34.83 15.23 -26.35
C GLU B 289 34.19 14.43 -25.22
N TRP B 290 33.48 13.37 -25.60
CA TRP B 290 32.84 12.47 -24.67
C TRP B 290 33.48 11.09 -24.79
N PRO B 291 33.59 10.34 -23.69
CA PRO B 291 34.18 9.00 -23.72
C PRO B 291 33.54 8.14 -24.80
N GLU B 292 34.25 7.11 -25.23
CA GLU B 292 33.79 6.25 -26.34
C GLU B 292 32.40 5.64 -26.09
N THR B 293 32.07 5.42 -24.82
CA THR B 293 30.82 4.82 -24.41
C THR B 293 29.59 5.70 -24.71
N VAL B 294 29.81 7.00 -24.83
CA VAL B 294 28.72 7.97 -25.05
C VAL B 294 28.26 8.02 -26.50
N ARG B 295 26.94 8.05 -26.69
CA ARG B 295 26.31 8.26 -27.99
C ARG B 295 25.34 9.40 -27.88
N THR B 296 24.91 9.93 -29.01
CA THR B 296 23.92 11.00 -29.03
C THR B 296 22.80 10.73 -30.02
N LEU B 297 21.59 11.14 -29.66
CA LEU B 297 20.43 11.06 -30.54
C LEU B 297 19.84 12.46 -30.71
N LEU B 298 19.52 12.83 -31.94
CA LEU B 298 18.99 14.16 -32.23
C LEU B 298 17.47 14.13 -32.26
N ILE B 299 16.85 14.94 -31.40
CA ILE B 299 15.40 14.95 -31.24
C ILE B 299 14.83 16.34 -31.45
N PRO B 300 13.86 16.47 -32.37
CA PRO B 300 13.22 17.76 -32.61
C PRO B 300 12.42 18.22 -31.41
N GLU B 301 12.26 19.54 -31.29
CA GLU B 301 11.48 20.13 -30.22
C GLU B 301 9.99 20.05 -30.55
N HIS B 302 9.16 20.31 -29.54
CA HIS B 302 7.74 20.51 -29.76
C HIS B 302 7.20 21.51 -28.74
N LYS B 303 6.86 22.70 -29.22
CA LYS B 303 6.51 23.86 -28.37
C LYS B 303 7.61 24.13 -27.34
N GLY B 304 8.78 24.53 -27.86
CA GLY B 304 9.94 24.90 -27.05
C GLY B 304 10.56 23.84 -26.15
N HIS B 305 10.10 22.60 -26.26
CA HIS B 305 10.59 21.50 -25.41
C HIS B 305 10.98 20.31 -26.28
N LEU B 306 11.98 19.55 -25.84
CA LEU B 306 12.37 18.32 -26.51
C LEU B 306 11.19 17.33 -26.53
N ASP B 307 10.84 16.83 -27.72
CA ASP B 307 9.66 15.99 -27.90
C ASP B 307 9.88 14.60 -27.35
N LEU B 308 9.06 14.23 -26.37
CA LEU B 308 9.22 12.94 -25.69
C LEU B 308 8.66 11.79 -26.49
N VAL B 309 7.59 12.03 -27.25
CA VAL B 309 6.96 10.99 -28.06
C VAL B 309 7.88 10.58 -29.23
N VAL B 310 8.50 11.56 -29.87
CA VAL B 310 9.46 11.26 -30.95
C VAL B 310 10.67 10.52 -30.37
N LEU B 311 11.13 10.95 -29.19
CA LEU B 311 12.25 10.32 -28.51
C LEU B 311 11.95 8.85 -28.24
N GLN B 314 12.04 6.89 -31.29
CA GLN B 314 13.38 6.79 -31.85
C GLN B 314 14.15 5.71 -31.10
N LEU B 315 13.93 5.63 -29.78
CA LEU B 315 14.46 4.53 -28.95
C LEU B 315 13.85 3.19 -29.34
N GLY B 316 12.62 3.23 -29.84
CA GLY B 316 11.98 2.06 -30.45
C GLY B 316 12.81 1.50 -31.59
N LYS B 317 13.01 2.31 -32.64
CA LYS B 317 13.90 1.97 -33.75
C LYS B 317 15.25 1.44 -33.27
N GLN B 318 15.64 1.87 -32.08
CA GLN B 318 16.93 1.53 -31.50
C GLN B 318 16.90 0.19 -30.76
N GLN B 319 15.79 -0.54 -30.90
CA GLN B 319 15.59 -1.86 -30.28
C GLN B 319 15.45 -1.86 -28.76
N ILE B 320 15.16 -0.70 -28.17
CA ILE B 320 14.98 -0.60 -26.73
C ILE B 320 13.63 -1.19 -26.28
N ASN B 321 13.71 -2.26 -25.50
CA ASN B 321 12.51 -2.97 -25.07
C ASN B 321 11.75 -2.28 -23.95
N SER B 322 12.47 -1.81 -22.95
CA SER B 322 11.87 -1.29 -21.73
C SER B 322 12.75 -0.27 -21.03
N ILE B 323 12.13 0.83 -20.60
CA ILE B 323 12.83 1.90 -19.91
C ILE B 323 12.35 2.05 -18.47
N TRP B 324 13.30 2.25 -17.56
CA TRP B 324 13.05 2.54 -16.15
C TRP B 324 13.37 4.00 -15.87
N VAL B 325 12.37 4.81 -15.60
CA VAL B 325 12.56 6.26 -15.46
C VAL B 325 12.81 6.75 -14.02
N GLU B 326 14.03 7.21 -13.78
CA GLU B 326 14.40 7.88 -12.53
C GLU B 326 14.27 9.39 -12.73
N ALA B 327 13.12 9.95 -12.35
CA ALA B 327 12.76 11.31 -12.75
C ALA B 327 12.49 12.32 -11.63
N GLY B 328 12.78 13.58 -11.93
CA GLY B 328 12.32 14.67 -11.08
C GLY B 328 10.84 14.92 -11.34
N PRO B 329 10.27 15.94 -10.67
CA PRO B 329 8.86 16.29 -10.87
C PRO B 329 8.51 16.54 -12.35
N THR B 330 9.25 17.47 -12.96
CA THR B 330 9.04 17.92 -14.33
C THR B 330 8.96 16.77 -15.35
N LEU B 331 9.99 15.93 -15.39
CA LEU B 331 10.00 14.79 -16.31
C LEU B 331 8.78 13.87 -16.13
N ALA B 332 8.51 13.49 -14.89
CA ALA B 332 7.43 12.56 -14.57
C ALA B 332 6.10 13.09 -15.04
N GLY B 333 5.88 14.38 -14.84
CA GLY B 333 4.64 15.01 -15.29
C GLY B 333 4.53 15.03 -16.80
N ALA B 334 5.66 15.24 -17.47
CA ALA B 334 5.69 15.34 -18.91
C ALA B 334 5.38 13.98 -19.53
N LEU B 335 5.91 12.92 -18.93
CA LEU B 335 5.67 11.56 -19.40
C LEU B 335 4.20 11.19 -19.23
N LEU B 336 3.63 11.54 -18.08
CA LEU B 336 2.23 11.24 -17.80
C LEU B 336 1.29 11.97 -18.75
N GLN B 337 1.56 13.26 -19.00
CA GLN B 337 0.72 14.05 -19.92
C GLN B 337 0.90 13.64 -21.37
N ALA B 338 2.12 13.21 -21.71
CA ALA B 338 2.41 12.72 -23.05
C ALA B 338 1.84 11.32 -23.29
N GLY B 339 1.27 10.75 -22.24
CA GLY B 339 0.60 9.44 -22.28
C GLY B 339 1.55 8.27 -22.52
N LEU B 340 2.82 8.46 -22.20
CA LEU B 340 3.85 7.47 -22.50
C LEU B 340 4.17 6.51 -21.35
N VAL B 341 3.46 6.62 -20.23
CA VAL B 341 3.74 5.76 -19.08
C VAL B 341 2.89 4.49 -19.09
N ASP B 342 3.57 3.33 -19.08
CA ASP B 342 2.89 2.06 -19.02
C ASP B 342 2.56 1.68 -17.60
N GLU B 343 3.54 1.72 -16.71
CA GLU B 343 3.23 1.51 -15.31
C GLU B 343 4.05 2.38 -14.39
N LEU B 344 3.44 2.88 -13.32
CA LEU B 344 4.20 3.67 -12.36
C LEU B 344 4.37 3.02 -10.99
N ILE B 345 5.61 3.04 -10.50
CA ILE B 345 5.99 2.50 -9.20
C ILE B 345 6.24 3.67 -8.23
N VAL B 346 5.44 3.75 -7.19
CA VAL B 346 5.51 4.85 -6.23
C VAL B 346 6.08 4.33 -4.92
N TYR B 347 7.21 4.88 -4.50
CA TYR B 347 7.69 4.58 -3.17
C TYR B 347 7.25 5.69 -2.21
N ILE B 348 6.50 5.33 -1.19
CA ILE B 348 6.08 6.29 -0.19
C ILE B 348 6.86 6.15 1.09
N ALA B 349 7.43 7.25 1.56
CA ALA B 349 8.06 7.29 2.85
C ALA B 349 7.05 7.72 3.91
N PRO B 350 7.22 7.26 5.16
CA PRO B 350 6.28 7.65 6.19
C PRO B 350 6.58 9.04 6.76
N LYS B 351 6.79 10.01 5.88
CA LYS B 351 6.94 11.40 6.29
C LYS B 351 5.80 12.23 5.74
N LEU B 352 5.45 13.27 6.47
CA LEU B 352 4.68 14.36 5.92
C LEU B 352 5.66 15.49 5.72
N LEU B 353 5.68 16.05 4.51
CA LEU B 353 6.68 17.07 4.17
C LEU B 353 6.23 18.51 4.42
N GLY B 354 7.21 19.35 4.76
CA GLY B 354 7.01 20.67 5.36
C GLY B 354 6.41 21.75 4.48
N SER B 355 6.02 22.87 5.12
CA SER B 355 5.26 23.95 4.49
C SER B 355 4.71 23.55 3.12
N ASP B 356 5.49 23.86 2.08
CA ASP B 356 5.17 23.48 0.72
C ASP B 356 6.45 23.02 0.02
N ALA B 357 6.66 21.69 0.03
CA ALA B 357 7.74 21.05 -0.69
C ALA B 357 7.29 20.78 -2.11
N ARG B 358 8.21 20.33 -2.97
CA ARG B 358 7.90 20.14 -4.39
C ARG B 358 7.01 18.91 -4.63
N GLY B 359 7.56 17.89 -5.27
CA GLY B 359 6.83 16.68 -5.66
C GLY B 359 5.72 16.92 -6.67
N LEU B 360 5.49 15.94 -7.53
CA LEU B 360 4.44 16.04 -8.55
C LEU B 360 3.13 16.57 -7.94
N CYS B 361 3.01 16.36 -6.63
CA CYS B 361 1.85 16.74 -5.83
C CYS B 361 1.61 18.26 -5.72
N THR B 362 0.35 18.65 -5.89
CA THR B 362 -0.09 20.03 -5.63
C THR B 362 0.84 21.08 -6.26
N LEU B 363 1.10 20.97 -7.56
CA LEU B 363 1.95 21.91 -8.30
C LEU B 363 1.47 22.19 -9.74
N PRO B 364 1.20 23.48 -10.07
CA PRO B 364 0.61 23.93 -11.36
C PRO B 364 1.47 23.65 -12.60
N GLY B 365 0.79 23.48 -13.74
CA GLY B 365 1.44 23.07 -14.99
C GLY B 365 0.73 21.87 -15.62
N LEU B 366 0.46 20.87 -14.79
CA LEU B 366 -0.25 19.66 -15.23
C LEU B 366 -1.78 19.86 -15.25
N GLU B 367 -2.31 20.22 -16.42
CA GLU B 367 -3.72 20.57 -16.57
C GLU B 367 -4.66 19.43 -16.95
N LYS B 368 -4.43 18.80 -18.11
CA LYS B 368 -5.31 17.75 -18.62
C LYS B 368 -4.81 16.33 -18.36
N LEU B 369 -4.65 15.99 -17.08
CA LEU B 369 -4.17 14.65 -16.66
C LEU B 369 -5.31 13.75 -16.15
N ALA B 370 -6.21 14.32 -15.36
CA ALA B 370 -7.45 13.64 -14.98
C ALA B 370 -8.11 13.10 -16.24
N ASP B 371 -7.91 13.82 -17.34
CA ASP B 371 -8.39 13.44 -18.65
C ASP B 371 -7.23 12.93 -19.52
N ALA B 372 -6.72 11.75 -19.18
CA ALA B 372 -5.58 11.11 -19.86
C ALA B 372 -5.27 9.75 -19.19
N PRO B 373 -4.73 8.76 -19.95
CA PRO B 373 -4.58 7.36 -19.51
C PRO B 373 -4.37 7.20 -18.00
N GLN B 374 -5.48 7.11 -17.27
CA GLN B 374 -5.46 6.91 -15.82
C GLN B 374 -5.12 5.47 -15.47
N PHE B 375 -4.78 5.24 -14.21
CA PHE B 375 -4.21 3.97 -13.80
C PHE B 375 -5.08 3.26 -12.78
N LYS B 376 -4.70 2.03 -12.47
CA LYS B 376 -5.34 1.27 -11.41
C LYS B 376 -4.29 0.44 -10.66
N PHE B 377 -4.49 0.29 -9.35
CA PHE B 377 -3.51 -0.37 -8.48
C PHE B 377 -3.35 -1.85 -8.84
N LYS B 378 -2.10 -2.30 -8.90
CA LYS B 378 -1.82 -3.70 -9.16
C LYS B 378 -1.30 -4.41 -7.94
N GLU B 379 -0.30 -3.83 -7.29
CA GLU B 379 0.27 -4.45 -6.11
C GLU B 379 0.75 -3.41 -5.12
N ILE B 380 0.61 -3.70 -3.84
CA ILE B 380 1.11 -2.84 -2.79
C ILE B 380 1.86 -3.69 -1.78
N ARG B 381 3.09 -3.31 -1.47
CA ARG B 381 3.85 -4.10 -0.52
C ARG B 381 4.78 -3.24 0.32
N HIS B 382 5.09 -3.73 1.52
CA HIS B 382 6.05 -3.06 2.38
C HIS B 382 7.46 -3.20 1.79
N VAL B 383 8.23 -2.12 1.84
CA VAL B 383 9.63 -2.18 1.51
C VAL B 383 10.35 -1.49 2.66
N GLY B 384 10.81 -2.27 3.62
CA GLY B 384 11.42 -1.70 4.81
C GLY B 384 10.46 -0.71 5.42
N PRO B 385 10.91 0.53 5.66
CA PRO B 385 10.04 1.49 6.32
C PRO B 385 9.07 2.17 5.33
N ASP B 386 9.14 1.79 4.06
CA ASP B 386 8.38 2.42 3.01
C ASP B 386 7.28 1.49 2.54
N VAL B 387 6.38 1.99 1.68
CA VAL B 387 5.48 1.10 0.93
C VAL B 387 5.61 1.36 -0.55
N CYS B 388 5.51 0.30 -1.33
CA CYS B 388 5.60 0.46 -2.77
C CYS B 388 4.24 0.24 -3.39
N LEU B 389 3.79 1.23 -4.15
CA LEU B 389 2.51 1.16 -4.83
C LEU B 389 2.73 0.98 -6.31
N HIS B 390 2.32 -0.18 -6.83
CA HIS B 390 2.38 -0.45 -8.25
C HIS B 390 1.05 -0.08 -8.85
N LEU B 391 1.08 0.78 -9.86
CA LEU B 391 -0.12 1.02 -10.64
C LEU B 391 0.23 0.88 -12.10
N VAL B 392 -0.82 0.72 -12.91
CA VAL B 392 -0.68 0.51 -14.34
C VAL B 392 -1.92 1.09 -15.03
N GLY B 393 -1.73 1.68 -16.20
CA GLY B 393 -2.79 2.38 -16.93
C GLY B 393 -4.08 1.60 -17.05
N ALA B 394 -3.95 0.26 -17.08
CA ALA B 394 -5.06 -0.65 -17.38
C ALA B 394 -6.47 -0.12 -17.08
#